data_5SYO
#
_entry.id   5SYO
#
_cell.length_a   68.596
_cell.length_b   78.077
_cell.length_c   120.343
_cell.angle_alpha   90.000
_cell.angle_beta   93.340
_cell.angle_gamma   90.000
#
_symmetry.space_group_name_H-M   'P 1 21 1'
#
loop_
_entity.id
_entity.type
_entity.pdbx_description
1 polymer 'Soluble acetylcholine receptor, Neuronal acetylcholine receptor subunit alpha-3 chimera'
2 non-polymer (1R,5S)-1,2,3,4,5,6-HEXAHYDRO-8H-1,5-METHANOPYRIDO[1,2-A][1,5]DIAZOCIN-8-ONE
3 water water
#
_entity_poly.entity_id   1
_entity_poly.type   'polypeptide(L)'
_entity_poly.pdbx_seq_one_letter_code
;DYKDDDDKLHSQANLMRLKSDLFNRSPMYPGPTKDDPLTVTLGFTLQDIVKADSSTNEVDLVYWEQQRWKLNSLMWDPNE
YGNITDFRTSAADIWTPDITAYSSTRPVQVLSPQIAVVTHDGSVMFIPAQRLSFMCDPTGVDSEEGATCAVKFGSWVYSG
FEIDLKTDTDQVDLSSYYASSKYEILSATQYKHDIKYNCCEEIYPDVVLVVKFRERRAGNGFFRNLFDSR
;
_entity_poly.pdbx_strand_id   A,B,C,D,E
#
loop_
_chem_comp.id
_chem_comp.type
_chem_comp.name
_chem_comp.formula
C5E non-polymer (1R,5S)-1,2,3,4,5,6-HEXAHYDRO-8H-1,5-METHANOPYRIDO[1,2-A][1,5]DIAZOCIN-8-ONE 'C11 H14 N2 O'
#
# COMPACT_ATOMS: atom_id res chain seq x y z
N LEU A 9 32.78 15.80 13.23
CA LEU A 9 32.32 17.07 12.65
C LEU A 9 32.87 17.23 11.23
N HIS A 10 34.20 17.11 11.11
CA HIS A 10 34.84 17.17 9.79
C HIS A 10 34.31 16.06 8.88
N SER A 11 34.09 14.86 9.43
CA SER A 11 33.61 13.75 8.61
C SER A 11 32.18 14.00 8.13
N GLN A 12 31.31 14.51 9.01
CA GLN A 12 29.95 14.85 8.61
C GLN A 12 29.93 15.90 7.51
N ALA A 13 30.71 16.97 7.68
CA ALA A 13 30.80 18.00 6.65
C ALA A 13 31.29 17.41 5.32
N ASN A 14 32.33 16.57 5.36
CA ASN A 14 32.87 15.98 4.14
C ASN A 14 31.87 15.06 3.46
N LEU A 15 31.12 14.26 4.24
CA LEU A 15 30.10 13.39 3.66
C LEU A 15 29.03 14.21 2.95
N MET A 16 28.53 15.26 3.61
CA MET A 16 27.53 16.13 3.00
C MET A 16 28.05 16.74 1.71
N ARG A 17 29.29 17.23 1.72
CA ARG A 17 29.88 17.81 0.52
C ARG A 17 30.00 16.77 -0.59
N LEU A 18 30.49 15.57 -0.25
CA LEU A 18 30.62 14.51 -1.24
C LEU A 18 29.27 14.18 -1.87
N LYS A 19 28.23 14.01 -1.05
CA LYS A 19 26.91 13.69 -1.56
C LYS A 19 26.39 14.81 -2.47
N SER A 20 26.60 16.07 -2.09
CA SER A 20 26.17 17.18 -2.94
C SER A 20 26.90 17.17 -4.27
N ASP A 21 28.21 16.94 -4.25
CA ASP A 21 28.99 16.93 -5.49
C ASP A 21 28.51 15.84 -6.44
N LEU A 22 28.23 14.64 -5.93
CA LEU A 22 27.78 13.56 -6.79
C LEU A 22 26.34 13.75 -7.25
N PHE A 23 25.49 14.34 -6.40
CA PHE A 23 24.10 14.60 -6.79
C PHE A 23 23.80 16.10 -6.78
N TYR A 29 22.41 8.96 -13.67
CA TYR A 29 22.86 7.98 -14.66
C TYR A 29 21.64 7.48 -15.42
N PRO A 30 21.64 7.61 -16.74
CA PRO A 30 20.44 7.30 -17.53
C PRO A 30 20.27 5.83 -17.84
N GLY A 31 21.07 4.96 -17.23
CA GLY A 31 21.02 3.55 -17.52
C GLY A 31 21.98 3.22 -18.65
N PRO A 32 22.15 1.94 -18.94
CA PRO A 32 23.14 1.52 -19.94
C PRO A 32 22.61 1.65 -21.36
N THR A 33 23.53 1.52 -22.31
CA THR A 33 23.23 1.56 -23.72
C THR A 33 24.12 0.54 -24.43
N LYS A 34 23.81 0.29 -25.70
CA LYS A 34 24.64 -0.58 -26.52
C LYS A 34 26.09 -0.11 -26.54
N ASP A 35 26.31 1.21 -26.53
CA ASP A 35 27.65 1.77 -26.52
C ASP A 35 28.26 1.93 -25.13
N ASP A 36 27.46 1.81 -24.07
CA ASP A 36 27.96 1.91 -22.70
C ASP A 36 27.33 0.78 -21.88
N PRO A 37 27.71 -0.46 -22.13
CA PRO A 37 27.08 -1.57 -21.44
C PRO A 37 27.55 -1.66 -20.00
N LEU A 38 26.65 -2.14 -19.15
CA LEU A 38 26.90 -2.21 -17.71
C LEU A 38 26.95 -3.66 -17.26
N THR A 39 28.02 -4.01 -16.53
CA THR A 39 28.09 -5.31 -15.90
C THR A 39 27.33 -5.28 -14.57
N VAL A 40 26.43 -6.23 -14.38
CA VAL A 40 25.68 -6.37 -13.14
C VAL A 40 25.94 -7.75 -12.62
N THR A 41 26.49 -7.84 -11.43
CA THR A 41 26.80 -9.13 -10.84
C THR A 41 25.74 -9.47 -9.81
N LEU A 42 25.20 -10.68 -9.91
CA LEU A 42 24.07 -11.17 -9.12
C LEU A 42 24.52 -12.34 -8.25
N GLY A 43 23.99 -12.42 -7.04
CA GLY A 43 24.14 -13.62 -6.24
C GLY A 43 22.98 -13.76 -5.29
N PHE A 44 22.63 -15.01 -4.98
CA PHE A 44 21.52 -15.28 -4.08
C PHE A 44 22.00 -15.97 -2.80
N THR A 45 21.41 -15.55 -1.69
CA THR A 45 21.53 -16.24 -0.41
C THR A 45 20.12 -16.72 -0.06
N LEU A 46 19.90 -18.02 -0.01
CA LEU A 46 18.57 -18.53 0.29
C LEU A 46 18.33 -18.75 1.77
N GLN A 47 17.63 -17.80 2.39
CA GLN A 47 17.32 -17.87 3.81
C GLN A 47 16.31 -18.96 4.21
N ASP A 48 15.22 -19.08 3.46
CA ASP A 48 14.20 -20.06 3.81
C ASP A 48 13.19 -20.37 2.71
N ILE A 49 12.58 -21.54 2.77
CA ILE A 49 11.53 -21.89 1.83
C ILE A 49 10.35 -21.87 2.77
N VAL A 50 9.60 -20.78 2.77
CA VAL A 50 8.47 -20.63 3.67
C VAL A 50 7.30 -21.57 3.46
N LYS A 51 6.89 -21.76 2.21
CA LYS A 51 5.75 -22.62 1.94
C LYS A 51 5.69 -23.17 0.51
N ALA A 52 4.98 -24.28 0.37
CA ALA A 52 4.79 -24.94 -0.92
C ALA A 52 3.31 -25.29 -1.04
N ASP A 53 2.64 -24.75 -2.05
CA ASP A 53 1.20 -24.86 -2.19
C ASP A 53 0.91 -25.71 -3.42
N SER A 54 0.55 -26.98 -3.17
CA SER A 54 0.23 -27.92 -4.24
C SER A 54 -1.17 -27.71 -4.81
N SER A 55 -2.01 -26.87 -4.21
CA SER A 55 -3.29 -26.58 -4.84
C SER A 55 -3.14 -25.57 -5.97
N THR A 56 -2.12 -24.69 -5.90
CA THR A 56 -1.89 -23.69 -6.93
C THR A 56 -0.56 -23.82 -7.65
N ASN A 57 0.32 -24.73 -7.22
CA ASN A 57 1.69 -24.83 -7.73
C ASN A 57 2.41 -23.48 -7.65
N GLU A 58 2.51 -23.01 -6.40
CA GLU A 58 3.25 -21.82 -6.01
C GLU A 58 4.08 -22.19 -4.79
N VAL A 59 5.35 -21.77 -4.79
CA VAL A 59 6.24 -21.92 -3.64
C VAL A 59 6.73 -20.53 -3.23
N ASP A 60 6.90 -20.31 -1.93
CA ASP A 60 7.29 -19.01 -1.38
C ASP A 60 8.70 -19.12 -0.80
N LEU A 61 9.62 -18.27 -1.28
CA LEU A 61 11.00 -18.26 -0.81
C LEU A 61 11.31 -16.94 -0.14
N VAL A 62 12.25 -16.97 0.80
CA VAL A 62 12.89 -15.77 1.36
C VAL A 62 14.38 -15.85 1.04
N TYR A 63 14.91 -14.82 0.39
CA TYR A 63 16.31 -14.81 -0.02
C TYR A 63 16.81 -13.38 0.02
N TRP A 64 18.14 -13.21 0.01
CA TRP A 64 18.79 -11.92 -0.18
C TRP A 64 19.41 -11.94 -1.57
N GLU A 65 19.15 -10.91 -2.35
CA GLU A 65 19.62 -10.81 -3.72
C GLU A 65 20.72 -9.76 -3.77
N GLN A 66 21.98 -10.20 -3.90
CA GLN A 66 23.07 -9.24 -3.98
C GLN A 66 23.24 -8.77 -5.42
N GLN A 67 23.27 -7.46 -5.63
CA GLN A 67 23.49 -6.85 -6.92
C GLN A 67 24.68 -5.92 -6.82
N ARG A 68 25.60 -5.98 -7.78
CA ARG A 68 26.69 -5.04 -7.77
C ARG A 68 26.98 -4.56 -9.19
N TRP A 69 27.32 -3.29 -9.30
CA TRP A 69 27.69 -2.66 -10.56
C TRP A 69 28.56 -1.46 -10.22
N LYS A 70 29.16 -0.84 -11.24
CA LYS A 70 30.16 0.20 -11.04
C LYS A 70 29.95 1.29 -12.08
N LEU A 71 29.98 2.55 -11.65
CA LEU A 71 29.73 3.69 -12.52
C LEU A 71 30.83 4.71 -12.36
N ASN A 72 31.40 5.18 -13.48
CA ASN A 72 32.41 6.23 -13.41
C ASN A 72 31.87 7.48 -12.71
N SER A 73 30.57 7.76 -12.87
CA SER A 73 29.97 8.96 -12.28
C SER A 73 29.83 8.88 -10.76
N LEU A 74 30.19 7.76 -10.12
CA LEU A 74 30.12 7.66 -8.67
C LEU A 74 31.51 7.56 -8.04
N MET A 75 32.56 7.80 -8.82
CA MET A 75 33.93 7.74 -8.32
C MET A 75 34.30 9.05 -7.63
N TRP A 76 35.24 8.96 -6.71
CA TRP A 76 35.84 10.13 -6.08
C TRP A 76 37.16 9.72 -5.46
N ASP A 77 37.94 10.73 -5.07
CA ASP A 77 39.21 10.52 -4.40
C ASP A 77 38.99 10.68 -2.90
N PRO A 78 39.18 9.65 -2.08
CA PRO A 78 39.02 9.83 -0.63
C PRO A 78 39.84 10.99 -0.08
N ASN A 79 41.04 11.21 -0.61
CA ASN A 79 41.89 12.30 -0.16
C ASN A 79 41.21 13.66 -0.26
N GLU A 80 40.30 13.84 -1.22
CA GLU A 80 39.57 15.09 -1.35
C GLU A 80 38.42 15.23 -0.36
N TYR A 81 38.07 14.17 0.37
CA TYR A 81 36.89 14.19 1.23
C TYR A 81 37.18 13.57 2.59
N GLY A 82 38.40 13.77 3.09
CA GLY A 82 38.71 13.37 4.45
C GLY A 82 38.79 11.88 4.68
N ASN A 83 39.24 11.13 3.67
CA ASN A 83 39.36 9.67 3.70
C ASN A 83 38.02 8.94 3.82
N ILE A 84 36.92 9.57 3.40
CA ILE A 84 35.67 8.82 3.23
C ILE A 84 35.85 7.88 2.04
N THR A 85 35.73 6.58 2.29
CA THR A 85 35.92 5.59 1.25
C THR A 85 34.61 4.99 0.73
N ASP A 86 33.51 5.15 1.45
CA ASP A 86 32.21 4.68 0.99
C ASP A 86 31.14 5.41 1.78
N PHE A 87 29.89 5.31 1.30
CA PHE A 87 28.76 5.90 2.00
C PHE A 87 27.50 5.11 1.70
N ARG A 88 26.48 5.33 2.51
CA ARG A 88 25.19 4.70 2.35
C ARG A 88 24.22 5.73 1.79
N THR A 89 23.34 5.29 0.89
CA THR A 89 22.33 6.19 0.37
C THR A 89 21.10 5.42 -0.06
N SER A 90 19.96 6.11 -0.04
CA SER A 90 18.70 5.50 -0.42
C SER A 90 18.75 5.02 -1.87
N ALA A 91 18.20 3.83 -2.11
CA ALA A 91 18.23 3.28 -3.46
C ALA A 91 17.45 4.14 -4.44
N ALA A 92 16.52 4.98 -3.98
CA ALA A 92 15.83 5.90 -4.88
C ALA A 92 16.70 7.09 -5.31
N ASP A 93 17.80 7.36 -4.61
CA ASP A 93 18.70 8.44 -5.01
C ASP A 93 19.59 8.07 -6.20
N ILE A 94 19.52 6.82 -6.69
CA ILE A 94 20.44 6.33 -7.72
C ILE A 94 19.69 5.43 -8.69
N TRP A 95 20.31 5.23 -9.85
CA TRP A 95 19.84 4.21 -10.77
C TRP A 95 20.09 2.83 -10.16
N THR A 96 19.14 1.92 -10.41
CA THR A 96 19.25 0.54 -9.96
C THR A 96 18.86 -0.39 -11.10
N PRO A 97 19.56 -1.58 -11.20
CA PRO A 97 19.15 -2.44 -12.33
C PRO A 97 17.76 -3.03 -12.16
N ASP A 98 17.04 -3.20 -13.27
CA ASP A 98 15.69 -3.76 -13.21
C ASP A 98 15.71 -5.28 -13.23
N ILE A 99 16.40 -5.89 -12.29
CA ILE A 99 16.45 -7.35 -12.24
C ILE A 99 15.09 -7.83 -11.75
N THR A 100 14.54 -8.82 -12.44
CA THR A 100 13.22 -9.33 -12.09
C THR A 100 13.10 -10.84 -12.20
N ALA A 101 12.19 -11.40 -11.42
CA ALA A 101 11.93 -12.83 -11.47
C ALA A 101 10.92 -13.02 -12.58
N TYR A 102 11.27 -13.84 -13.56
CA TYR A 102 10.41 -14.10 -14.71
C TYR A 102 9.08 -14.83 -14.42
N SER A 103 9.10 -15.75 -13.47
CA SER A 103 7.94 -16.56 -13.13
C SER A 103 7.17 -16.25 -11.82
N SER A 104 7.35 -15.07 -11.25
CA SER A 104 6.65 -14.72 -10.00
C SER A 104 5.12 -14.67 -10.17
N THR A 105 4.40 -15.11 -9.14
CA THR A 105 2.94 -15.12 -9.17
C THR A 105 2.25 -14.05 -8.31
N ARG A 106 3.02 -13.32 -7.50
CA ARG A 106 2.59 -12.16 -6.71
CA ARG A 106 2.56 -12.11 -6.83
C ARG A 106 3.71 -11.11 -6.77
N PRO A 107 3.39 -9.83 -6.51
CA PRO A 107 4.50 -8.84 -6.45
C PRO A 107 5.49 -9.21 -5.37
N VAL A 108 6.78 -9.14 -5.69
CA VAL A 108 7.81 -9.45 -4.69
C VAL A 108 7.69 -8.47 -3.52
N GLN A 109 7.87 -8.97 -2.30
CA GLN A 109 7.77 -8.16 -1.10
C GLN A 109 9.15 -7.91 -0.54
N VAL A 110 9.48 -6.64 -0.28
CA VAL A 110 10.81 -6.28 0.17
C VAL A 110 10.83 -6.32 1.69
N LEU A 111 11.86 -6.96 2.26
CA LEU A 111 11.94 -7.20 3.69
C LEU A 111 13.04 -6.40 4.37
N SER A 112 13.80 -5.61 3.63
CA SER A 112 14.93 -4.87 4.18
C SER A 112 14.86 -3.43 3.72
N PRO A 113 15.56 -2.52 4.41
CA PRO A 113 15.66 -1.14 3.93
C PRO A 113 16.17 -1.05 2.50
N GLN A 114 15.65 -0.09 1.75
CA GLN A 114 16.07 0.14 0.36
C GLN A 114 17.22 1.16 0.34
N ILE A 115 18.40 0.69 0.74
CA ILE A 115 19.59 1.51 0.94
C ILE A 115 20.78 0.80 0.30
N ALA A 116 21.58 1.52 -0.46
CA ALA A 116 22.73 0.93 -1.15
C ALA A 116 24.04 1.47 -0.56
N VAL A 117 25.13 0.74 -0.81
CA VAL A 117 26.47 1.15 -0.38
C VAL A 117 27.28 1.51 -1.62
N VAL A 118 27.79 2.74 -1.66
CA VAL A 118 28.58 3.25 -2.77
C VAL A 118 30.03 3.38 -2.28
N THR A 119 30.96 2.86 -3.05
CA THR A 119 32.39 2.89 -2.72
C THR A 119 33.13 3.81 -3.69
N HIS A 120 34.25 4.37 -3.22
CA HIS A 120 34.96 5.42 -3.94
C HIS A 120 35.41 5.01 -5.33
N ASP A 121 35.56 3.72 -5.60
CA ASP A 121 35.85 3.27 -6.96
C ASP A 121 34.64 3.32 -7.86
N GLY A 122 33.50 3.81 -7.37
CA GLY A 122 32.28 3.92 -8.13
C GLY A 122 31.37 2.71 -8.11
N SER A 123 31.74 1.65 -7.39
CA SER A 123 30.91 0.45 -7.34
CA SER A 123 30.91 0.45 -7.34
C SER A 123 29.78 0.62 -6.33
N VAL A 124 28.63 0.04 -6.65
CA VAL A 124 27.43 0.08 -5.82
C VAL A 124 27.09 -1.34 -5.43
N MET A 125 26.78 -1.55 -4.15
CA MET A 125 26.28 -2.85 -3.69
C MET A 125 24.90 -2.65 -3.05
N PHE A 126 23.93 -3.45 -3.50
CA PHE A 126 22.55 -3.35 -3.08
C PHE A 126 22.07 -4.77 -2.80
N ILE A 127 21.62 -5.03 -1.57
CA ILE A 127 21.21 -6.39 -1.21
C ILE A 127 19.83 -6.45 -0.58
N PRO A 128 18.77 -6.27 -1.46
CA PRO A 128 17.45 -6.34 -0.83
C PRO A 128 17.06 -7.75 -0.42
N ALA A 129 16.36 -7.87 0.70
CA ALA A 129 15.87 -9.15 1.18
C ALA A 129 14.43 -9.21 0.70
N GLN A 130 14.03 -10.31 0.08
CA GLN A 130 12.68 -10.41 -0.44
C GLN A 130 11.99 -11.75 -0.22
N ARG A 131 10.66 -11.70 -0.22
CA ARG A 131 9.85 -12.91 -0.12
C ARG A 131 9.23 -13.01 -1.50
N LEU A 132 9.38 -14.17 -2.14
CA LEU A 132 8.86 -14.35 -3.47
C LEU A 132 7.97 -15.57 -3.67
N SER A 133 6.87 -15.38 -4.38
CA SER A 133 5.97 -16.47 -4.71
C SER A 133 6.19 -16.67 -6.20
N PHE A 134 6.56 -17.88 -6.60
CA PHE A 134 6.82 -18.15 -8.00
C PHE A 134 6.22 -19.50 -8.40
N MET A 135 6.11 -19.71 -9.72
CA MET A 135 5.47 -20.91 -10.24
C MET A 135 6.33 -22.13 -10.00
N CYS A 136 5.76 -23.13 -9.33
CA CYS A 136 6.53 -24.30 -8.92
C CYS A 136 5.63 -25.46 -8.53
N ASP A 137 5.83 -26.62 -9.16
CA ASP A 137 5.08 -27.83 -8.86
C ASP A 137 5.80 -28.58 -7.74
N PRO A 138 5.26 -28.62 -6.52
CA PRO A 138 6.01 -29.26 -5.42
C PRO A 138 5.83 -30.76 -5.37
N THR A 139 5.29 -31.35 -6.44
CA THR A 139 5.15 -32.81 -6.51
C THR A 139 6.49 -33.49 -6.21
N GLY A 140 6.46 -34.40 -5.24
CA GLY A 140 7.65 -35.10 -4.81
C GLY A 140 8.28 -34.56 -3.54
N VAL A 141 7.80 -33.41 -3.04
CA VAL A 141 8.42 -32.79 -1.86
C VAL A 141 8.32 -33.69 -0.64
N ASP A 142 7.34 -34.59 -0.61
CA ASP A 142 7.15 -35.51 0.50
C ASP A 142 7.83 -36.85 0.28
N SER A 143 8.89 -36.88 -0.52
CA SER A 143 9.61 -38.12 -0.81
C SER A 143 11.10 -37.89 -0.62
N GLU A 144 11.85 -39.00 -0.68
CA GLU A 144 13.30 -38.94 -0.49
C GLU A 144 13.96 -38.11 -1.60
N GLU A 145 13.50 -38.27 -2.84
CA GLU A 145 14.08 -37.54 -3.95
C GLU A 145 13.74 -36.05 -3.92
N GLY A 146 12.58 -35.68 -3.37
CA GLY A 146 12.20 -34.29 -3.24
C GLY A 146 11.54 -33.74 -4.49
N ALA A 147 11.28 -32.44 -4.45
CA ALA A 147 10.81 -31.69 -5.60
C ALA A 147 11.93 -30.82 -6.12
N THR A 148 11.79 -30.37 -7.36
CA THR A 148 12.74 -29.46 -8.00
C THR A 148 11.96 -28.32 -8.63
N CYS A 149 12.38 -27.09 -8.36
CA CYS A 149 11.76 -25.95 -9.00
C CYS A 149 12.82 -24.96 -9.45
N ALA A 150 12.43 -24.11 -10.38
CA ALA A 150 13.38 -23.18 -10.98
C ALA A 150 12.70 -21.84 -11.20
N VAL A 151 13.46 -20.76 -11.07
CA VAL A 151 12.94 -19.44 -11.42
C VAL A 151 14.08 -18.60 -11.99
N LYS A 152 13.82 -17.97 -13.14
CA LYS A 152 14.82 -17.18 -13.84
C LYS A 152 14.78 -15.74 -13.39
N PHE A 153 15.96 -15.13 -13.27
CA PHE A 153 16.13 -13.72 -12.94
C PHE A 153 16.88 -13.03 -14.07
N GLY A 154 16.40 -11.87 -14.48
CA GLY A 154 17.13 -11.09 -15.47
C GLY A 154 16.47 -9.74 -15.64
N SER A 155 17.06 -8.93 -16.52
CA SER A 155 16.52 -7.59 -16.75
C SER A 155 15.17 -7.74 -17.46
N TRP A 156 14.21 -6.88 -17.10
CA TRP A 156 12.94 -6.91 -17.82
C TRP A 156 13.08 -6.33 -19.23
N VAL A 157 13.90 -5.29 -19.39
CA VAL A 157 13.93 -4.54 -20.64
C VAL A 157 15.29 -4.49 -21.32
N TYR A 158 16.38 -4.85 -20.66
CA TYR A 158 17.71 -4.72 -21.27
C TYR A 158 18.23 -6.08 -21.75
N SER A 159 18.84 -6.09 -22.95
CA SER A 159 19.52 -7.26 -23.45
C SER A 159 20.92 -7.36 -22.88
N GLY A 160 21.61 -8.46 -23.20
CA GLY A 160 22.99 -8.67 -22.79
C GLY A 160 23.98 -7.67 -23.35
N PHE A 161 23.61 -6.96 -24.42
CA PHE A 161 24.44 -5.89 -24.95
C PHE A 161 24.39 -4.64 -24.08
N GLU A 162 23.38 -4.53 -23.21
CA GLU A 162 23.22 -3.36 -22.36
C GLU A 162 23.47 -3.68 -20.89
N ILE A 163 22.92 -4.77 -20.38
CA ILE A 163 23.21 -5.24 -19.04
C ILE A 163 23.85 -6.61 -19.20
N ASP A 164 25.16 -6.68 -18.94
CA ASP A 164 25.93 -7.91 -18.98
C ASP A 164 25.84 -8.56 -17.60
N LEU A 165 25.03 -9.63 -17.49
CA LEU A 165 24.60 -10.19 -16.21
C LEU A 165 25.52 -11.36 -15.86
N LYS A 166 26.25 -11.21 -14.75
CA LYS A 166 27.27 -12.14 -14.30
C LYS A 166 26.95 -12.62 -12.89
N THR A 167 27.71 -13.63 -12.44
CA THR A 167 27.69 -14.09 -11.06
C THR A 167 29.13 -14.27 -10.59
N ASP A 168 29.31 -14.37 -9.27
CA ASP A 168 30.62 -14.75 -8.75
C ASP A 168 30.74 -16.24 -8.52
N THR A 169 29.65 -16.98 -8.65
CA THR A 169 29.63 -18.38 -8.26
C THR A 169 28.36 -19.01 -8.81
N ASP A 170 28.47 -20.30 -9.16
CA ASP A 170 27.31 -21.08 -9.55
C ASP A 170 26.48 -21.55 -8.35
N GLN A 171 26.99 -21.44 -7.13
CA GLN A 171 26.35 -22.01 -5.95
C GLN A 171 25.57 -20.95 -5.19
N VAL A 172 24.29 -21.25 -4.91
CA VAL A 172 23.52 -20.39 -4.00
C VAL A 172 24.10 -20.52 -2.61
N ASP A 173 24.31 -19.37 -1.94
CA ASP A 173 24.82 -19.35 -0.57
C ASP A 173 23.74 -19.90 0.37
N LEU A 174 24.00 -21.08 0.94
CA LEU A 174 23.10 -21.68 1.92
C LEU A 174 23.61 -21.57 3.36
N SER A 175 24.60 -20.73 3.61
CA SER A 175 25.18 -20.67 4.96
C SER A 175 24.25 -20.02 5.98
N SER A 176 23.18 -19.35 5.52
CA SER A 176 22.18 -18.73 6.39
C SER A 176 20.82 -19.42 6.30
N TYR A 177 20.73 -20.58 5.65
CA TYR A 177 19.43 -21.21 5.48
C TYR A 177 18.88 -21.58 6.85
N TYR A 178 17.60 -21.31 7.05
CA TYR A 178 17.01 -21.50 8.37
C TYR A 178 17.02 -22.97 8.76
N ALA A 179 17.71 -23.29 9.86
CA ALA A 179 17.97 -24.69 10.19
C ALA A 179 16.70 -25.46 10.51
N SER A 180 15.62 -24.78 10.91
CA SER A 180 14.37 -25.43 11.29
C SER A 180 13.25 -25.13 10.30
N SER A 181 13.58 -24.88 9.04
CA SER A 181 12.57 -24.70 8.01
C SER A 181 11.75 -25.97 7.88
N LYS A 182 10.50 -25.80 7.43
CA LYS A 182 9.68 -26.96 7.06
C LYS A 182 10.33 -27.77 5.95
N TYR A 183 11.20 -27.15 5.15
CA TYR A 183 11.81 -27.79 3.98
C TYR A 183 13.33 -27.73 4.09
N GLU A 184 13.97 -28.85 3.86
CA GLU A 184 15.41 -28.89 3.80
C GLU A 184 15.89 -28.83 2.34
N ILE A 185 17.06 -28.23 2.15
CA ILE A 185 17.60 -28.00 0.81
C ILE A 185 18.50 -29.17 0.43
N LEU A 186 18.23 -29.78 -0.72
CA LEU A 186 19.11 -30.80 -1.27
C LEU A 186 20.18 -30.19 -2.17
N SER A 187 19.83 -29.17 -2.95
CA SER A 187 20.79 -28.39 -3.73
C SER A 187 20.16 -27.08 -4.15
N ALA A 188 21.00 -26.09 -4.37
CA ALA A 188 20.53 -24.78 -4.81
C ALA A 188 21.63 -24.16 -5.65
N THR A 189 21.38 -24.01 -6.95
CA THR A 189 22.36 -23.49 -7.88
C THR A 189 21.82 -22.23 -8.55
N GLN A 190 22.74 -21.38 -9.03
CA GLN A 190 22.37 -20.16 -9.75
C GLN A 190 23.17 -20.06 -11.06
N TYR A 191 23.03 -21.08 -11.90
CA TYR A 191 23.74 -21.12 -13.18
C TYR A 191 23.27 -19.99 -14.10
N LYS A 192 24.18 -19.54 -14.98
CA LYS A 192 23.86 -18.53 -15.99
C LYS A 192 23.45 -19.19 -17.29
N HIS A 193 22.54 -18.52 -18.01
CA HIS A 193 22.00 -18.99 -19.28
C HIS A 193 21.91 -17.83 -20.26
N ASP A 194 22.09 -18.13 -21.53
CA ASP A 194 21.89 -17.16 -22.60
C ASP A 194 20.81 -17.68 -23.55
N ILE A 195 19.98 -16.78 -24.06
CA ILE A 195 18.97 -17.14 -25.04
C ILE A 195 19.13 -16.21 -26.24
N LYS A 196 19.17 -16.80 -27.44
CA LYS A 196 19.26 -16.07 -28.69
C LYS A 196 17.96 -16.26 -29.47
N TYR A 197 17.35 -15.15 -29.89
CA TYR A 197 16.13 -15.22 -30.70
C TYR A 197 16.46 -14.95 -32.16
N GLU A 201 19.53 -9.81 -33.00
CA GLU A 201 20.92 -10.25 -32.86
C GLU A 201 21.36 -10.23 -31.41
N GLU A 202 20.57 -9.59 -30.56
CA GLU A 202 20.91 -9.48 -29.14
C GLU A 202 20.89 -10.84 -28.48
N ILE A 203 21.74 -11.01 -27.47
CA ILE A 203 21.70 -12.17 -26.60
C ILE A 203 21.04 -11.73 -25.29
N TYR A 204 20.21 -12.59 -24.70
CA TYR A 204 19.56 -12.25 -23.45
C TYR A 204 20.01 -13.16 -22.31
N PRO A 205 20.71 -12.63 -21.31
CA PRO A 205 21.19 -13.45 -20.19
C PRO A 205 20.17 -13.54 -19.07
N ASP A 206 20.24 -14.65 -18.34
CA ASP A 206 19.49 -14.78 -17.10
C ASP A 206 20.36 -15.54 -16.10
N VAL A 207 19.98 -15.43 -14.82
CA VAL A 207 20.50 -16.29 -13.76
C VAL A 207 19.32 -17.11 -13.25
N VAL A 208 19.39 -18.43 -13.37
CA VAL A 208 18.29 -19.31 -12.97
C VAL A 208 18.56 -19.92 -11.61
N LEU A 209 17.66 -19.65 -10.67
CA LEU A 209 17.71 -20.29 -9.36
C LEU A 209 17.04 -21.66 -9.45
N VAL A 210 17.78 -22.73 -9.19
CA VAL A 210 17.22 -24.07 -9.21
C VAL A 210 17.34 -24.66 -7.81
N VAL A 211 16.20 -24.91 -7.17
CA VAL A 211 16.19 -25.45 -5.81
CA VAL A 211 16.21 -25.46 -5.82
C VAL A 211 15.59 -26.85 -5.84
N LYS A 212 16.29 -27.79 -5.22
CA LYS A 212 15.78 -29.14 -4.99
C LYS A 212 15.61 -29.26 -3.48
N PHE A 213 14.40 -29.58 -3.04
CA PHE A 213 14.08 -29.51 -1.63
C PHE A 213 13.09 -30.61 -1.26
N ARG A 214 12.96 -30.85 0.04
CA ARG A 214 12.00 -31.83 0.53
C ARG A 214 11.58 -31.49 1.96
N GLU A 215 10.41 -32.00 2.35
CA GLU A 215 9.90 -31.81 3.71
C GLU A 215 10.85 -32.40 4.74
N SER B 11 4.67 30.57 23.17
CA SER B 11 5.16 29.21 23.27
C SER B 11 5.11 28.50 21.93
N GLN B 12 3.95 28.52 21.29
CA GLN B 12 3.83 27.92 19.97
C GLN B 12 4.77 28.58 18.98
N ALA B 13 4.89 29.91 19.04
CA ALA B 13 5.82 30.61 18.16
C ALA B 13 7.27 30.20 18.44
N ASN B 14 7.61 30.05 19.72
CA ASN B 14 8.95 29.60 20.08
C ASN B 14 9.23 28.20 19.53
N LEU B 15 8.26 27.29 19.67
CA LEU B 15 8.44 25.94 19.15
C LEU B 15 8.64 25.96 17.63
N MET B 16 7.84 26.75 16.91
CA MET B 16 8.00 26.84 15.46
C MET B 16 9.37 27.39 15.09
N ARG B 17 9.85 28.40 15.83
CA ARG B 17 11.17 28.95 15.55
C ARG B 17 12.26 27.91 15.81
N LEU B 18 12.15 27.17 16.92
CA LEU B 18 13.12 26.10 17.21
C LEU B 18 13.15 25.05 16.11
N LYS B 19 11.98 24.61 15.64
CA LYS B 19 11.92 23.60 14.59
C LYS B 19 12.50 24.14 13.28
N SER B 20 12.21 25.39 12.94
CA SER B 20 12.81 25.99 11.75
C SER B 20 14.33 26.05 11.88
N ASP B 21 14.83 26.49 13.05
CA ASP B 21 16.28 26.52 13.26
C ASP B 21 16.89 25.14 13.10
N LEU B 22 16.26 24.11 13.66
CA LEU B 22 16.82 22.76 13.58
C LEU B 22 16.77 22.21 12.15
N PHE B 23 15.71 22.54 11.42
CA PHE B 23 15.56 22.07 10.04
C PHE B 23 15.61 23.22 9.05
N TYR B 29 21.06 15.44 8.90
CA TYR B 29 22.12 14.55 9.33
C TYR B 29 22.33 13.47 8.29
N PRO B 30 23.54 13.39 7.74
CA PRO B 30 23.81 12.45 6.65
C PRO B 30 23.90 11.00 7.09
N GLY B 31 23.76 10.72 8.38
CA GLY B 31 23.96 9.38 8.89
C GLY B 31 25.37 9.22 9.44
N PRO B 32 25.62 8.12 10.13
CA PRO B 32 26.93 7.93 10.76
C PRO B 32 27.99 7.50 9.76
N THR B 33 29.25 7.65 10.17
CA THR B 33 30.43 7.18 9.45
C THR B 33 31.41 6.58 10.44
N LYS B 34 32.48 5.98 9.89
CA LYS B 34 33.52 5.39 10.75
C LYS B 34 34.14 6.42 11.68
N ASP B 35 34.21 7.69 11.26
CA ASP B 35 34.77 8.76 12.06
C ASP B 35 33.76 9.47 12.94
N ASP B 36 32.46 9.24 12.71
CA ASP B 36 31.38 9.79 13.54
C ASP B 36 30.39 8.67 13.81
N PRO B 37 30.79 7.67 14.61
CA PRO B 37 29.88 6.55 14.91
C PRO B 37 28.75 6.99 15.81
N LEU B 38 27.60 6.37 15.63
CA LEU B 38 26.40 6.68 16.40
C LEU B 38 26.00 5.48 17.24
N THR B 39 25.85 5.69 18.55
CA THR B 39 25.35 4.65 19.43
C THR B 39 23.83 4.60 19.38
N VAL B 40 23.27 3.43 19.11
CA VAL B 40 21.82 3.24 19.07
C VAL B 40 21.45 2.19 20.11
N THR B 41 20.58 2.57 21.05
CA THR B 41 20.13 1.66 22.09
C THR B 41 18.74 1.11 21.75
N LEU B 42 18.61 -0.20 21.83
CA LEU B 42 17.43 -0.94 21.40
C LEU B 42 16.87 -1.68 22.60
N GLY B 43 15.55 -1.67 22.74
CA GLY B 43 14.88 -2.45 23.77
C GLY B 43 13.48 -2.83 23.32
N PHE B 44 13.01 -4.02 23.68
CA PHE B 44 11.73 -4.51 23.20
C PHE B 44 10.71 -4.62 24.33
N THR B 45 9.47 -4.31 23.97
CA THR B 45 8.35 -4.47 24.87
C THR B 45 7.51 -5.48 24.07
N LEU B 46 7.28 -6.66 24.60
CA LEU B 46 6.52 -7.67 23.86
C LEU B 46 5.06 -7.70 24.25
N GLN B 47 4.22 -7.11 23.40
CA GLN B 47 2.79 -7.08 23.63
C GLN B 47 2.05 -8.41 23.51
N ASP B 48 2.35 -9.17 22.46
CA ASP B 48 1.65 -10.43 22.26
C ASP B 48 2.26 -11.34 21.21
N ILE B 49 1.94 -12.62 21.28
CA ILE B 49 2.37 -13.58 20.28
C ILE B 49 1.01 -13.91 19.67
N VAL B 50 0.70 -13.28 18.55
CA VAL B 50 -0.58 -13.47 17.91
C VAL B 50 -0.87 -14.86 17.34
N LYS B 51 0.13 -15.43 16.66
CA LYS B 51 -0.07 -16.74 16.06
C LYS B 51 1.23 -17.51 15.82
N ALA B 52 1.12 -18.83 15.75
CA ALA B 52 2.24 -19.70 15.49
C ALA B 52 1.79 -20.73 14.48
N ASP B 53 2.37 -20.71 13.30
CA ASP B 53 1.87 -21.49 12.16
C ASP B 53 2.83 -22.66 11.94
N SER B 54 2.40 -23.86 12.34
CA SER B 54 3.26 -25.03 12.21
C SER B 54 3.32 -25.57 10.78
N SER B 55 2.49 -25.06 9.87
CA SER B 55 2.55 -25.51 8.49
C SER B 55 3.65 -24.81 7.69
N THR B 56 4.02 -23.59 8.09
CA THR B 56 5.09 -22.84 7.44
C THR B 56 6.25 -22.52 8.37
N ASN B 57 6.16 -22.85 9.66
CA ASN B 57 7.13 -22.41 10.66
C ASN B 57 7.37 -20.90 10.56
N GLU B 58 6.29 -20.14 10.80
CA GLU B 58 6.29 -18.70 10.96
C GLU B 58 5.53 -18.39 12.23
N VAL B 59 6.05 -17.45 13.01
CA VAL B 59 5.35 -16.96 14.20
C VAL B 59 5.19 -15.44 14.06
N ASP B 60 4.06 -14.93 14.52
CA ASP B 60 3.72 -13.51 14.42
C ASP B 60 3.75 -12.89 15.80
N LEU B 61 4.55 -11.83 15.95
CA LEU B 61 4.64 -11.07 17.19
C LEU B 61 4.17 -9.64 17.01
N VAL B 62 3.61 -9.08 18.08
CA VAL B 62 3.39 -7.65 18.20
C VAL B 62 4.28 -7.17 19.34
N TYR B 63 5.06 -6.12 19.08
CA TYR B 63 6.00 -5.61 20.07
C TYR B 63 6.20 -4.13 19.79
N TRP B 64 6.75 -3.43 20.77
CA TRP B 64 7.21 -2.07 20.58
C TRP B 64 8.72 -2.11 20.57
N GLU B 65 9.32 -1.42 19.61
CA GLU B 65 10.77 -1.39 19.41
C GLU B 65 11.27 -0.02 19.84
N GLN B 66 11.79 0.08 21.06
CA GLN B 66 12.24 1.36 21.57
C GLN B 66 13.65 1.63 21.08
N GLN B 67 13.83 2.76 20.39
CA GLN B 67 15.09 3.14 19.79
C GLN B 67 15.55 4.48 20.36
N ARG B 68 16.80 4.56 20.81
CA ARG B 68 17.33 5.83 21.33
C ARG B 68 18.71 6.11 20.76
N TRP B 69 18.94 7.38 20.42
CA TRP B 69 20.23 7.87 19.97
C TRP B 69 20.28 9.37 20.22
N LYS B 70 21.43 9.98 19.96
CA LYS B 70 21.55 11.40 20.27
C LYS B 70 22.47 12.07 19.26
N LEU B 71 22.08 13.27 18.82
CA LEU B 71 22.82 14.01 17.82
C LEU B 71 23.15 15.40 18.35
N ASN B 72 24.37 15.85 18.07
CA ASN B 72 24.76 17.21 18.43
C ASN B 72 23.94 18.23 17.64
N SER B 73 23.63 17.93 16.38
CA SER B 73 22.85 18.82 15.52
C SER B 73 21.40 18.97 15.97
N LEU B 74 20.97 18.26 17.01
CA LEU B 74 19.61 18.40 17.52
C LEU B 74 19.59 19.03 18.91
N MET B 75 20.73 19.57 19.37
CA MET B 75 20.78 20.20 20.68
C MET B 75 20.27 21.64 20.62
N TRP B 76 19.78 22.14 21.76
CA TRP B 76 19.51 23.56 21.90
C TRP B 76 19.48 23.90 23.38
N ASP B 77 19.48 25.21 23.65
CA ASP B 77 19.36 25.73 25.00
C ASP B 77 17.92 26.08 25.26
N PRO B 78 17.24 25.44 26.22
CA PRO B 78 15.83 25.78 26.48
C PRO B 78 15.61 27.25 26.80
N ASN B 79 16.62 27.93 27.36
CA ASN B 79 16.45 29.33 27.71
C ASN B 79 16.37 30.24 26.50
N GLU B 80 16.89 29.81 25.36
CA GLU B 80 16.76 30.57 24.12
C GLU B 80 15.47 30.27 23.38
N TYR B 81 14.59 29.45 23.95
CA TYR B 81 13.38 29.01 23.27
C TYR B 81 12.22 28.85 24.25
N GLY B 82 12.12 29.76 25.21
CA GLY B 82 10.98 29.77 26.11
C GLY B 82 10.89 28.57 27.03
N ASN B 83 12.03 28.01 27.42
CA ASN B 83 12.13 26.86 28.33
C ASN B 83 11.48 25.60 27.75
N ILE B 84 11.37 25.50 26.43
CA ILE B 84 10.99 24.26 25.78
C ILE B 84 12.15 23.27 25.94
N THR B 85 11.87 22.12 26.57
CA THR B 85 12.90 21.14 26.79
C THR B 85 12.82 19.95 25.84
N ASP B 86 11.69 19.76 25.16
CA ASP B 86 11.56 18.68 24.19
C ASP B 86 10.39 18.99 23.27
N PHE B 87 10.37 18.31 22.12
CA PHE B 87 9.23 18.42 21.22
C PHE B 87 9.00 17.10 20.51
N ARG B 88 7.89 17.03 19.79
CA ARG B 88 7.50 15.86 19.02
C ARG B 88 7.56 16.21 17.54
N THR B 89 8.10 15.30 16.74
CA THR B 89 8.10 15.56 15.31
C THR B 89 8.01 14.26 14.53
N SER B 90 7.47 14.36 13.32
CA SER B 90 7.33 13.21 12.45
C SER B 90 8.69 12.56 12.22
N ALA B 91 8.71 11.23 12.17
CA ALA B 91 9.98 10.54 12.01
C ALA B 91 10.62 10.83 10.66
N ALA B 92 9.84 11.24 9.67
CA ALA B 92 10.40 11.62 8.38
C ALA B 92 11.06 13.00 8.39
N ASP B 93 10.94 13.76 9.48
CA ASP B 93 11.69 15.01 9.59
C ASP B 93 13.15 14.79 9.97
N ILE B 94 13.51 13.60 10.44
CA ILE B 94 14.83 13.36 11.01
C ILE B 94 15.38 12.05 10.49
N TRP B 95 16.70 11.91 10.57
CA TRP B 95 17.33 10.63 10.31
C TRP B 95 16.89 9.62 11.37
N THR B 96 16.63 8.39 10.95
CA THR B 96 16.31 7.31 11.87
C THR B 96 17.10 6.08 11.46
N PRO B 97 17.49 5.23 12.41
CA PRO B 97 18.33 4.08 12.07
C PRO B 97 17.55 3.00 11.34
N ASP B 98 18.27 2.23 10.52
CA ASP B 98 17.69 1.23 9.64
C ASP B 98 17.62 -0.14 10.31
N ILE B 99 17.04 -0.16 11.52
CA ILE B 99 17.01 -1.39 12.31
C ILE B 99 16.02 -2.35 11.68
N THR B 100 16.47 -3.58 11.43
CA THR B 100 15.76 -4.54 10.59
C THR B 100 15.80 -5.90 11.26
N ALA B 101 14.67 -6.60 11.25
CA ALA B 101 14.71 -8.01 11.65
C ALA B 101 15.37 -8.82 10.55
N TYR B 102 16.31 -9.70 10.93
CA TYR B 102 17.12 -10.40 9.94
C TYR B 102 16.46 -11.67 9.41
N SER B 103 15.38 -12.14 10.03
CA SER B 103 14.72 -13.36 9.59
C SER B 103 13.20 -13.17 9.48
N SER B 104 12.77 -11.97 9.12
CA SER B 104 11.35 -11.76 8.81
C SER B 104 10.99 -12.56 7.58
N THR B 105 9.72 -12.95 7.49
CA THR B 105 9.21 -13.62 6.29
C THR B 105 8.15 -12.80 5.56
N ARG B 106 7.73 -11.67 6.15
CA ARG B 106 6.81 -10.73 5.54
CA ARG B 106 6.80 -10.73 5.55
C ARG B 106 7.27 -9.33 5.91
N PRO B 107 6.93 -8.32 5.10
CA PRO B 107 7.27 -6.95 5.50
C PRO B 107 6.64 -6.62 6.84
N VAL B 108 7.40 -5.93 7.70
CA VAL B 108 6.87 -5.56 9.00
CA VAL B 108 6.87 -5.57 9.00
C VAL B 108 5.71 -4.59 8.81
N GLN B 109 4.68 -4.72 9.64
CA GLN B 109 3.53 -3.84 9.58
C GLN B 109 3.57 -2.87 10.77
N VAL B 110 3.43 -1.57 10.49
CA VAL B 110 3.61 -0.55 11.52
C VAL B 110 2.25 -0.27 12.14
N LEU B 111 2.18 -0.27 13.48
CA LEU B 111 0.91 -0.19 14.18
C LEU B 111 0.71 1.12 14.92
N SER B 112 1.67 2.03 14.87
CA SER B 112 1.60 3.24 15.67
C SER B 112 2.06 4.41 14.82
N PRO B 113 1.66 5.64 15.20
CA PRO B 113 2.16 6.84 14.49
C PRO B 113 3.68 6.89 14.40
N GLN B 114 4.23 7.38 13.30
CA GLN B 114 5.68 7.47 13.11
C GLN B 114 6.15 8.85 13.55
N ILE B 115 6.15 9.06 14.87
CA ILE B 115 6.48 10.34 15.51
C ILE B 115 7.53 10.07 16.57
N ALA B 116 8.55 10.91 16.62
CA ALA B 116 9.66 10.78 17.56
C ALA B 116 9.64 11.91 18.58
N VAL B 117 10.34 11.70 19.68
CA VAL B 117 10.48 12.69 20.74
C VAL B 117 11.94 13.15 20.76
N VAL B 118 12.15 14.44 20.54
CA VAL B 118 13.48 15.04 20.57
C VAL B 118 13.59 15.86 21.85
N THR B 119 14.73 15.74 22.54
CA THR B 119 14.99 16.42 23.79
C THR B 119 16.15 17.40 23.59
N HIS B 120 16.17 18.46 24.41
CA HIS B 120 17.09 19.59 24.18
C HIS B 120 18.56 19.19 24.21
N ASP B 121 18.91 18.07 24.85
CA ASP B 121 20.28 17.57 24.81
C ASP B 121 20.61 16.82 23.53
N GLY B 122 19.71 16.81 22.55
CA GLY B 122 19.97 16.14 21.29
C GLY B 122 19.54 14.69 21.23
N SER B 123 19.01 14.12 22.31
CA SER B 123 18.60 12.73 22.30
C SER B 123 17.22 12.56 21.65
N VAL B 124 17.07 11.46 20.92
CA VAL B 124 15.85 11.10 20.21
C VAL B 124 15.33 9.80 20.78
N MET B 125 14.02 9.71 20.96
CA MET B 125 13.35 8.49 21.38
C MET B 125 12.25 8.17 20.37
N PHE B 126 12.24 6.94 19.88
CA PHE B 126 11.30 6.54 18.83
C PHE B 126 10.87 5.12 19.14
N ILE B 127 9.56 4.92 19.29
CA ILE B 127 9.05 3.61 19.68
C ILE B 127 7.92 3.11 18.77
N PRO B 128 8.33 2.65 17.53
CA PRO B 128 7.23 2.16 16.68
C PRO B 128 6.68 0.82 17.15
N ALA B 129 5.38 0.62 17.01
CA ALA B 129 4.74 -0.63 17.38
C ALA B 129 4.60 -1.37 16.06
N GLN B 130 5.02 -2.62 16.03
CA GLN B 130 4.96 -3.40 14.81
C GLN B 130 4.52 -4.85 14.98
N ARG B 131 4.01 -5.42 13.89
CA ARG B 131 3.61 -6.82 13.87
C ARG B 131 4.63 -7.47 12.95
N LEU B 132 5.27 -8.52 13.44
CA LEU B 132 6.29 -9.20 12.66
C LEU B 132 6.08 -10.70 12.50
N SER B 133 6.26 -11.17 11.26
CA SER B 133 6.17 -12.60 10.96
C SER B 133 7.63 -12.96 10.76
N PHE B 134 8.10 -13.96 11.49
CA PHE B 134 9.51 -14.33 11.41
C PHE B 134 9.66 -15.85 11.45
N MET B 135 10.85 -16.33 11.05
CA MET B 135 11.11 -17.77 10.98
C MET B 135 11.20 -18.40 12.36
N CYS B 136 10.38 -19.41 12.60
CA CYS B 136 10.24 -19.96 13.94
C CYS B 136 9.46 -21.28 13.90
N ASP B 137 10.11 -22.36 14.33
CA ASP B 137 9.49 -23.68 14.43
C ASP B 137 8.83 -23.77 15.80
N PRO B 138 7.49 -23.80 15.88
CA PRO B 138 6.84 -23.80 17.21
C PRO B 138 6.65 -25.19 17.79
N THR B 139 7.41 -26.18 17.31
CA THR B 139 7.29 -27.52 17.85
C THR B 139 7.57 -27.50 19.36
N GLY B 140 6.69 -28.15 20.13
CA GLY B 140 6.79 -28.15 21.57
C GLY B 140 5.97 -27.08 22.26
N VAL B 141 5.34 -26.19 21.49
CA VAL B 141 4.52 -25.15 22.10
C VAL B 141 3.36 -25.74 22.87
N ASP B 142 2.94 -26.96 22.53
CA ASP B 142 1.85 -27.66 23.20
C ASP B 142 2.34 -28.60 24.30
N SER B 143 3.50 -28.31 24.88
CA SER B 143 4.09 -29.12 25.94
C SER B 143 4.49 -28.18 27.08
N GLU B 144 4.88 -28.76 28.20
CA GLU B 144 5.22 -27.95 29.37
C GLU B 144 6.51 -27.17 29.16
N GLU B 145 7.47 -27.74 28.42
CA GLU B 145 8.73 -27.05 28.15
C GLU B 145 8.56 -25.90 27.15
N GLY B 146 7.49 -25.90 26.37
CA GLY B 146 7.26 -24.87 25.39
C GLY B 146 8.21 -24.94 24.20
N ALA B 147 8.10 -23.94 23.34
CA ALA B 147 8.94 -23.77 22.17
C ALA B 147 9.88 -22.58 22.39
N THR B 148 10.98 -22.56 21.63
CA THR B 148 11.93 -21.47 21.71
C THR B 148 12.26 -20.98 20.31
N CYS B 149 12.20 -19.67 20.11
CA CYS B 149 12.55 -19.09 18.83
C CYS B 149 13.31 -17.80 19.07
N ALA B 150 14.05 -17.37 18.05
CA ALA B 150 14.93 -16.22 18.17
C ALA B 150 14.91 -15.45 16.87
N VAL B 151 15.10 -14.14 16.97
CA VAL B 151 15.20 -13.33 15.76
C VAL B 151 16.13 -12.17 16.06
N LYS B 152 17.03 -11.89 15.13
CA LYS B 152 18.05 -10.89 15.31
C LYS B 152 17.59 -9.57 14.72
N PHE B 153 17.93 -8.48 15.40
CA PHE B 153 17.65 -7.13 14.93
C PHE B 153 18.95 -6.36 14.82
N GLY B 154 19.10 -5.63 13.72
CA GLY B 154 20.32 -4.85 13.54
C GLY B 154 20.25 -4.04 12.27
N SER B 155 21.28 -3.23 12.07
CA SER B 155 21.34 -2.40 10.89
C SER B 155 21.43 -3.29 9.65
N TRP B 156 20.81 -2.85 8.55
CA TRP B 156 20.99 -3.60 7.32
C TRP B 156 22.31 -3.26 6.66
N VAL B 157 22.72 -1.99 6.69
CA VAL B 157 23.84 -1.52 5.87
C VAL B 157 25.01 -1.00 6.68
N TYR B 158 24.89 -0.83 7.99
CA TYR B 158 25.94 -0.22 8.79
C TYR B 158 26.61 -1.27 9.67
N SER B 159 27.94 -1.29 9.67
CA SER B 159 28.67 -2.14 10.60
C SER B 159 28.77 -1.48 11.97
N GLY B 160 29.38 -2.21 12.91
CA GLY B 160 29.61 -1.66 14.24
C GLY B 160 30.52 -0.45 14.27
N PHE B 161 31.19 -0.13 13.16
CA PHE B 161 31.96 1.11 13.14
C PHE B 161 31.07 2.33 12.98
N GLU B 162 29.90 2.16 12.34
CA GLU B 162 29.03 3.29 12.06
C GLU B 162 27.89 3.36 13.06
N ILE B 163 27.23 2.23 13.33
CA ILE B 163 26.17 2.17 14.32
C ILE B 163 26.58 1.21 15.41
N ASP B 164 26.91 1.75 16.57
CA ASP B 164 27.27 0.96 17.74
C ASP B 164 25.98 0.59 18.48
N LEU B 165 25.47 -0.61 18.21
CA LEU B 165 24.21 -1.09 18.75
C LEU B 165 24.37 -1.59 20.17
N LYS B 166 23.54 -1.10 21.09
CA LYS B 166 23.61 -1.40 22.51
C LYS B 166 22.24 -1.74 23.06
N THR B 167 22.25 -2.39 24.23
CA THR B 167 21.05 -2.55 25.03
C THR B 167 21.28 -1.90 26.40
N ASP B 168 20.17 -1.48 27.01
CA ASP B 168 20.14 -1.07 28.41
C ASP B 168 19.99 -2.24 29.35
N THR B 169 19.37 -3.33 28.89
CA THR B 169 19.11 -4.49 29.73
C THR B 169 18.86 -5.65 28.79
N ASP B 170 19.00 -6.86 29.32
CA ASP B 170 18.65 -8.04 28.52
C ASP B 170 17.26 -8.58 28.83
N GLN B 171 16.53 -7.97 29.76
CA GLN B 171 15.18 -8.42 30.08
C GLN B 171 14.17 -7.68 29.19
N VAL B 172 13.51 -8.44 28.31
CA VAL B 172 12.45 -7.86 27.49
C VAL B 172 11.34 -7.43 28.41
N ASP B 173 10.80 -6.23 28.18
CA ASP B 173 9.68 -5.70 28.97
C ASP B 173 8.41 -6.50 28.70
N LEU B 174 7.98 -7.29 29.68
CA LEU B 174 6.75 -8.07 29.57
C LEU B 174 5.57 -7.43 30.29
N SER B 175 5.67 -6.17 30.69
CA SER B 175 4.65 -5.56 31.54
C SER B 175 3.38 -5.21 30.78
N SER B 176 3.42 -5.23 29.46
CA SER B 176 2.22 -5.04 28.64
C SER B 176 1.84 -6.30 27.89
N TYR B 177 2.45 -7.44 28.22
CA TYR B 177 2.12 -8.65 27.46
C TYR B 177 0.67 -9.02 27.70
N TYR B 178 -0.03 -9.39 26.62
CA TYR B 178 -1.46 -9.59 26.68
C TYR B 178 -1.80 -10.82 27.52
N ALA B 179 -2.53 -10.62 28.63
CA ALA B 179 -2.69 -11.66 29.63
C ALA B 179 -3.53 -12.82 29.13
N SER B 180 -4.40 -12.59 28.14
CA SER B 180 -5.23 -13.65 27.56
C SER B 180 -4.78 -14.08 26.15
N SER B 181 -3.48 -13.90 25.85
CA SER B 181 -2.91 -14.38 24.60
C SER B 181 -3.10 -15.89 24.48
N LYS B 182 -3.14 -16.39 23.25
CA LYS B 182 -3.10 -17.84 23.08
C LYS B 182 -1.79 -18.43 23.60
N TYR B 183 -0.75 -17.62 23.77
CA TYR B 183 0.56 -18.11 24.20
C TYR B 183 1.05 -17.33 25.42
N GLU B 184 1.49 -18.05 26.44
CA GLU B 184 2.14 -17.42 27.58
C GLU B 184 3.66 -17.48 27.43
N ILE B 185 4.32 -16.43 27.93
CA ILE B 185 5.77 -16.29 27.83
C ILE B 185 6.41 -17.01 29.01
N LEU B 186 7.32 -17.95 28.71
CA LEU B 186 8.17 -18.52 29.75
C LEU B 186 9.41 -17.68 29.99
N SER B 187 10.01 -17.11 28.93
CA SER B 187 11.04 -16.10 29.12
C SER B 187 11.20 -15.30 27.84
N ALA B 188 11.65 -14.06 27.97
CA ALA B 188 11.97 -13.24 26.81
C ALA B 188 13.22 -12.43 27.13
N THR B 189 14.29 -12.68 26.36
CA THR B 189 15.61 -12.10 26.62
C THR B 189 16.12 -11.42 25.36
N GLN B 190 16.76 -10.26 25.52
CA GLN B 190 17.32 -9.51 24.40
C GLN B 190 18.83 -9.39 24.58
N TYR B 191 19.57 -10.20 23.84
CA TYR B 191 21.03 -10.27 23.92
C TYR B 191 21.75 -9.39 22.92
N LYS B 192 22.85 -8.77 23.35
CA LYS B 192 23.66 -7.95 22.46
C LYS B 192 24.68 -8.93 21.92
N HIS B 193 24.63 -9.15 20.62
CA HIS B 193 25.52 -10.10 19.96
C HIS B 193 26.13 -9.53 18.70
N ASP B 194 27.33 -9.99 18.36
CA ASP B 194 27.99 -9.53 17.14
C ASP B 194 28.77 -10.64 16.46
N ILE B 195 29.00 -10.50 15.16
CA ILE B 195 29.75 -11.46 14.40
C ILE B 195 30.89 -10.75 13.69
N LYS B 196 32.05 -11.38 13.68
CA LYS B 196 33.22 -10.79 13.05
C LYS B 196 33.97 -11.76 12.15
N TYR B 197 34.68 -11.21 11.17
CA TYR B 197 35.47 -12.02 10.26
C TYR B 197 36.92 -11.79 10.65
N ASN B 198 37.68 -12.87 10.75
CA ASN B 198 39.08 -12.80 11.18
C ASN B 198 39.90 -11.92 10.26
N CYS B 199 39.65 -12.01 8.97
CA CYS B 199 40.36 -11.22 7.98
C CYS B 199 40.16 -9.72 8.15
N CYS B 200 38.94 -9.33 8.52
CA CYS B 200 38.60 -7.91 8.66
C CYS B 200 38.25 -7.40 10.06
N GLU B 201 38.64 -6.15 10.29
CA GLU B 201 38.42 -5.42 11.54
C GLU B 201 36.95 -5.20 11.91
N GLU B 202 36.11 -4.95 10.91
CA GLU B 202 34.70 -4.66 11.16
C GLU B 202 33.94 -5.74 11.93
N ILE B 203 33.10 -5.27 12.85
CA ILE B 203 32.27 -6.12 13.69
C ILE B 203 30.82 -5.78 13.40
N TYR B 204 29.99 -6.78 13.18
CA TYR B 204 28.58 -6.52 12.90
C TYR B 204 27.75 -6.89 14.13
N PRO B 205 27.13 -5.82 14.75
CA PRO B 205 26.36 -6.18 15.95
C PRO B 205 24.86 -6.29 15.72
N ASP B 206 24.22 -7.04 16.60
CA ASP B 206 22.77 -7.24 16.55
C ASP B 206 22.22 -7.48 17.94
N VAL B 207 20.92 -7.26 18.10
CA VAL B 207 20.28 -7.53 19.37
C VAL B 207 19.44 -8.75 19.07
N VAL B 208 19.66 -9.82 19.82
CA VAL B 208 18.90 -11.04 19.57
C VAL B 208 17.77 -11.25 20.55
N LEU B 209 16.56 -11.28 20.01
CA LEU B 209 15.36 -11.54 20.79
C LEU B 209 15.12 -13.04 20.82
N VAL B 210 15.15 -13.63 22.01
CA VAL B 210 14.93 -15.06 22.22
C VAL B 210 13.68 -15.19 23.09
N VAL B 211 12.64 -15.86 22.57
CA VAL B 211 11.38 -16.01 23.27
CA VAL B 211 11.39 -16.01 23.30
C VAL B 211 11.10 -17.49 23.47
N LYS B 212 10.84 -17.87 24.71
CA LYS B 212 10.39 -19.21 25.07
C LYS B 212 8.92 -19.08 25.47
N PHE B 213 8.05 -19.84 24.82
CA PHE B 213 6.62 -19.64 24.97
C PHE B 213 5.91 -20.97 24.82
N ARG B 214 4.67 -21.03 25.29
CA ARG B 214 3.85 -22.23 25.19
C ARG B 214 2.36 -21.87 25.17
N GLU B 215 1.54 -22.83 24.77
CA GLU B 215 0.08 -22.66 24.71
C GLU B 215 -0.51 -22.47 26.09
N SER C 11 -19.68 33.89 -2.39
CA SER C 11 -19.54 33.02 -1.22
C SER C 11 -18.39 32.04 -1.41
N GLN C 12 -18.28 31.47 -2.61
CA GLN C 12 -17.16 30.58 -2.91
C GLN C 12 -15.83 31.32 -2.82
N ALA C 13 -15.78 32.55 -3.35
CA ALA C 13 -14.56 33.35 -3.22
C ALA C 13 -14.24 33.63 -1.76
N ASN C 14 -15.25 33.93 -0.94
CA ASN C 14 -15.03 34.18 0.47
C ASN C 14 -14.45 32.96 1.17
N LEU C 15 -15.01 31.77 0.88
CA LEU C 15 -14.50 30.54 1.49
C LEU C 15 -13.04 30.30 1.10
N MET C 16 -12.72 30.47 -0.19
CA MET C 16 -11.33 30.31 -0.63
C MET C 16 -10.41 31.31 0.07
N ARG C 17 -10.85 32.56 0.20
CA ARG C 17 -10.05 33.55 0.90
C ARG C 17 -9.85 33.17 2.37
N LEU C 18 -10.92 32.71 3.04
CA LEU C 18 -10.79 32.30 4.43
C LEU C 18 -9.81 31.15 4.59
N LYS C 19 -9.92 30.12 3.73
CA LYS C 19 -8.99 29.00 3.80
C LYS C 19 -7.55 29.46 3.55
N SER C 20 -7.37 30.34 2.57
CA SER C 20 -6.03 30.85 2.27
C SER C 20 -5.42 31.58 3.47
N ASP C 21 -6.20 32.48 4.09
CA ASP C 21 -5.73 33.17 5.28
C ASP C 21 -5.35 32.20 6.39
N LEU C 22 -6.22 31.21 6.65
CA LEU C 22 -5.96 30.26 7.73
C LEU C 22 -4.70 29.43 7.48
N PHE C 23 -4.46 29.04 6.23
CA PHE C 23 -3.33 28.19 5.91
C PHE C 23 -2.10 28.97 5.46
N ASN C 24 -2.15 30.31 5.47
CA ASN C 24 -1.01 31.14 5.07
C ASN C 24 -0.94 32.43 5.90
N TYR C 29 0.12 24.56 12.73
CA TYR C 29 0.11 24.32 14.18
C TYR C 29 1.17 23.28 14.50
N PRO C 30 2.14 23.65 15.35
CA PRO C 30 3.26 22.75 15.64
C PRO C 30 2.89 21.63 16.58
N GLY C 31 1.63 21.52 16.99
CA GLY C 31 1.24 20.56 17.98
C GLY C 31 1.25 21.18 19.36
N PRO C 32 0.66 20.48 20.32
CA PRO C 32 0.58 21.03 21.68
C PRO C 32 1.92 20.99 22.40
N THR C 33 2.02 21.79 23.46
CA THR C 33 3.18 21.84 24.35
C THR C 33 2.69 21.85 25.79
N LYS C 34 3.65 21.73 26.72
CA LYS C 34 3.30 21.76 28.14
C LYS C 34 2.75 23.12 28.56
N ASP C 35 3.20 24.20 27.92
CA ASP C 35 2.71 25.54 28.22
C ASP C 35 1.42 25.86 27.46
N ASP C 36 1.14 25.14 26.37
CA ASP C 36 -0.08 25.31 25.59
C ASP C 36 -0.70 23.94 25.34
N PRO C 37 -1.21 23.29 26.39
CA PRO C 37 -1.77 21.95 26.22
C PRO C 37 -3.09 21.97 25.45
N LEU C 38 -3.43 20.82 24.89
CA LEU C 38 -4.62 20.68 24.06
C LEU C 38 -5.55 19.66 24.69
N THR C 39 -6.82 20.04 24.83
CA THR C 39 -7.85 19.09 25.25
C THR C 39 -8.42 18.42 24.01
N VAL C 40 -8.46 17.10 24.02
CA VAL C 40 -9.01 16.31 22.91
C VAL C 40 -10.13 15.45 23.48
N THR C 41 -11.35 15.66 23.00
CA THR C 41 -12.48 14.87 23.45
C THR C 41 -12.68 13.69 22.52
N LEU C 42 -12.85 12.51 23.10
CA LEU C 42 -12.94 11.25 22.37
C LEU C 42 -14.28 10.58 22.67
N GLY C 43 -14.91 10.06 21.63
CA GLY C 43 -16.10 9.25 21.81
C GLY C 43 -16.19 8.21 20.73
N PHE C 44 -16.69 7.03 21.07
CA PHE C 44 -16.75 5.92 20.14
C PHE C 44 -18.18 5.52 19.84
N THR C 45 -18.46 5.30 18.58
CA THR C 45 -19.71 4.74 18.10
C THR C 45 -19.37 3.38 17.51
N LEU C 46 -19.90 2.30 18.08
CA LEU C 46 -19.57 0.97 17.59
C LEU C 46 -20.59 0.44 16.58
N GLN C 47 -20.21 0.45 15.30
CA GLN C 47 -21.06 -0.06 14.24
C GLN C 47 -21.28 -1.56 14.21
N ASP C 48 -20.20 -2.33 14.36
CA ASP C 48 -20.33 -3.78 14.30
C ASP C 48 -19.11 -4.56 14.81
N ILE C 49 -19.34 -5.80 15.22
CA ILE C 49 -18.24 -6.66 15.61
C ILE C 49 -18.27 -7.63 14.46
N VAL C 50 -17.37 -7.44 13.50
CA VAL C 50 -17.34 -8.27 12.30
C VAL C 50 -16.96 -9.73 12.49
N LYS C 51 -15.93 -9.99 13.27
CA LYS C 51 -15.49 -11.36 13.47
C LYS C 51 -14.66 -11.57 14.73
N ALA C 52 -14.61 -12.82 15.19
CA ALA C 52 -13.84 -13.18 16.37
C ALA C 52 -13.09 -14.46 16.05
N ASP C 53 -11.76 -14.44 16.23
CA ASP C 53 -10.89 -15.53 15.86
C ASP C 53 -10.32 -16.14 17.14
N SER C 54 -10.82 -17.31 17.49
CA SER C 54 -10.42 -17.99 18.70
C SER C 54 -9.11 -18.75 18.53
N SER C 55 -8.61 -18.87 17.29
CA SER C 55 -7.30 -19.47 17.08
C SER C 55 -6.16 -18.49 17.34
N THR C 56 -6.43 -17.18 17.25
CA THR C 56 -5.41 -16.17 17.45
C THR C 56 -5.77 -15.14 18.53
N ASN C 57 -6.97 -15.23 19.10
CA ASN C 57 -7.52 -14.21 20.00
C ASN C 57 -7.37 -12.80 19.43
N GLU C 58 -7.99 -12.62 18.26
CA GLU C 58 -8.15 -11.34 17.59
C GLU C 58 -9.63 -11.14 17.27
N VAL C 59 -10.13 -9.94 17.54
CA VAL C 59 -11.51 -9.59 17.24
C VAL C 59 -11.51 -8.37 16.33
N ASP C 60 -12.36 -8.37 15.31
CA ASP C 60 -12.44 -7.26 14.38
C ASP C 60 -13.67 -6.39 14.62
N LEU C 61 -13.45 -5.09 14.73
CA LEU C 61 -14.53 -4.14 14.99
C LEU C 61 -14.56 -2.98 14.00
N VAL C 62 -15.77 -2.52 13.71
CA VAL C 62 -15.96 -1.37 12.83
C VAL C 62 -16.59 -0.32 13.74
N TYR C 63 -15.98 0.86 13.79
CA TYR C 63 -16.46 1.92 14.66
C TYR C 63 -16.11 3.31 14.15
N TRP C 64 -16.81 4.31 14.66
CA TRP C 64 -16.56 5.69 14.29
C TRP C 64 -15.89 6.32 15.50
N GLU C 65 -14.75 6.96 15.29
CA GLU C 65 -14.00 7.57 16.37
C GLU C 65 -14.18 9.08 16.29
N GLN C 66 -15.03 9.63 17.15
CA GLN C 66 -15.26 11.07 17.11
C GLN C 66 -14.17 11.78 17.90
N GLN C 67 -13.51 12.74 17.26
CA GLN C 67 -12.43 13.50 17.88
C GLN C 67 -12.76 14.99 17.76
N ARG C 68 -12.61 15.73 18.88
CA ARG C 68 -12.88 17.15 18.88
C ARG C 68 -11.83 17.89 19.69
N TRP C 69 -11.36 19.01 19.15
CA TRP C 69 -10.37 19.86 19.79
C TRP C 69 -10.54 21.27 19.23
N LYS C 70 -9.89 22.25 19.87
CA LYS C 70 -10.07 23.65 19.49
C LYS C 70 -8.73 24.36 19.48
N LEU C 71 -8.52 25.19 18.46
CA LEU C 71 -7.27 25.92 18.29
C LEU C 71 -7.56 27.39 18.09
N ASN C 72 -6.82 28.25 18.80
CA ASN C 72 -6.96 29.68 18.59
C ASN C 72 -6.63 30.06 17.16
N SER C 73 -5.63 29.38 16.57
CA SER C 73 -5.19 29.66 15.21
C SER C 73 -6.25 29.34 14.15
N LEU C 74 -7.30 28.60 14.50
CA LEU C 74 -8.34 28.27 13.52
C LEU C 74 -9.58 29.14 13.69
N MET C 75 -9.53 30.19 14.51
CA MET C 75 -10.67 31.07 14.71
C MET C 75 -10.77 32.10 13.60
N TRP C 76 -12.00 32.62 13.42
CA TRP C 76 -12.22 33.74 12.52
C TRP C 76 -13.56 34.39 12.84
N ASP C 77 -13.74 35.62 12.35
CA ASP C 77 -15.01 36.33 12.47
C ASP C 77 -15.88 36.03 11.26
N PRO C 78 -17.05 35.43 11.43
CA PRO C 78 -17.94 35.22 10.27
C PRO C 78 -18.33 36.51 9.57
N ASN C 79 -18.34 37.65 10.28
CA ASN C 79 -18.64 38.93 9.63
C ASN C 79 -17.58 39.32 8.61
N GLU C 80 -16.33 38.89 8.81
CA GLU C 80 -15.27 39.21 7.87
C GLU C 80 -15.21 38.25 6.68
N TYR C 81 -16.10 37.26 6.61
CA TYR C 81 -16.02 36.24 5.56
C TYR C 81 -17.40 35.82 5.07
N GLY C 82 -18.31 36.78 4.91
CA GLY C 82 -19.59 36.47 4.30
C GLY C 82 -20.49 35.57 5.12
N ASN C 83 -20.37 35.63 6.45
CA ASN C 83 -21.16 34.85 7.40
C ASN C 83 -20.84 33.36 7.37
N ILE C 84 -19.69 32.98 6.84
CA ILE C 84 -19.26 31.58 6.86
C ILE C 84 -19.03 31.16 8.31
N THR C 85 -19.80 30.18 8.78
CA THR C 85 -19.71 29.71 10.16
C THR C 85 -18.76 28.54 10.34
N ASP C 86 -18.53 27.76 9.30
CA ASP C 86 -17.74 26.54 9.38
C ASP C 86 -17.38 26.14 7.96
N PHE C 87 -16.44 25.20 7.85
CA PHE C 87 -16.10 24.68 6.53
C PHE C 87 -15.53 23.28 6.68
N ARG C 88 -15.60 22.53 5.60
CA ARG C 88 -15.04 21.19 5.51
C ARG C 88 -13.69 21.29 4.84
N THR C 89 -12.72 20.50 5.31
CA THR C 89 -11.41 20.49 4.69
C THR C 89 -10.75 19.15 4.94
N SER C 90 -9.91 18.75 4.00
CA SER C 90 -9.16 17.50 4.13
C SER C 90 -8.40 17.49 5.44
N ALA C 91 -8.45 16.34 6.13
CA ALA C 91 -7.71 16.19 7.38
C ALA C 91 -6.21 16.38 7.19
N ALA C 92 -5.71 16.20 5.98
CA ALA C 92 -4.29 16.45 5.74
C ALA C 92 -3.96 17.94 5.75
N ASP C 93 -4.95 18.82 5.65
CA ASP C 93 -4.67 20.25 5.68
C ASP C 93 -4.37 20.76 7.09
N ILE C 94 -4.69 20.00 8.12
CA ILE C 94 -4.56 20.48 9.49
C ILE C 94 -3.79 19.46 10.31
N TRP C 95 -3.34 19.90 11.47
CA TRP C 95 -2.85 19.00 12.48
C TRP C 95 -3.99 18.16 13.02
N THR C 96 -3.74 16.87 13.27
CA THR C 96 -4.70 16.02 13.93
C THR C 96 -4.01 15.22 15.03
N PRO C 97 -4.73 14.89 16.10
CA PRO C 97 -4.11 14.12 17.19
C PRO C 97 -3.77 12.70 16.77
N ASP C 98 -2.73 12.15 17.41
CA ASP C 98 -2.19 10.84 17.08
C ASP C 98 -2.80 9.75 17.95
N ILE C 99 -4.12 9.79 18.06
CA ILE C 99 -4.85 8.82 18.88
C ILE C 99 -4.73 7.44 18.27
N THR C 100 -4.28 6.48 19.07
CA THR C 100 -3.88 5.15 18.62
C THR C 100 -4.48 4.09 19.51
N ALA C 101 -4.98 3.01 18.91
CA ALA C 101 -5.33 1.82 19.69
C ALA C 101 -4.06 1.13 20.15
N TYR C 102 -3.99 0.85 21.45
CA TYR C 102 -2.78 0.32 22.05
C TYR C 102 -2.62 -1.18 21.86
N SER C 103 -3.68 -1.90 21.51
CA SER C 103 -3.58 -3.36 21.36
C SER C 103 -4.01 -3.85 20.00
N SER C 104 -3.86 -3.02 18.95
CA SER C 104 -4.16 -3.50 17.61
C SER C 104 -3.18 -4.62 17.24
N THR C 105 -3.63 -5.56 16.40
CA THR C 105 -2.72 -6.57 15.87
C THR C 105 -2.47 -6.43 14.37
N ARG C 106 -3.14 -5.49 13.72
CA ARG C 106 -2.99 -5.15 12.32
CA ARG C 106 -2.94 -5.14 12.33
C ARG C 106 -3.09 -3.63 12.20
N PRO C 107 -2.51 -3.04 11.15
CA PRO C 107 -2.70 -1.59 10.97
C PRO C 107 -4.19 -1.29 10.86
N VAL C 108 -4.64 -0.24 11.55
CA VAL C 108 -6.06 0.15 11.48
C VAL C 108 -6.39 0.58 10.06
N GLN C 109 -7.58 0.22 9.58
CA GLN C 109 -7.98 0.51 8.21
C GLN C 109 -9.08 1.56 8.21
N VAL C 110 -8.90 2.62 7.43
CA VAL C 110 -9.88 3.72 7.42
C VAL C 110 -10.96 3.43 6.38
N LEU C 111 -12.22 3.68 6.74
CA LEU C 111 -13.35 3.34 5.89
C LEU C 111 -14.11 4.55 5.36
N SER C 112 -13.73 5.75 5.77
CA SER C 112 -14.47 6.95 5.44
C SER C 112 -13.52 8.02 4.93
N PRO C 113 -14.02 9.04 4.24
CA PRO C 113 -13.15 10.16 3.84
C PRO C 113 -12.48 10.79 5.05
N GLN C 114 -11.24 11.23 4.84
CA GLN C 114 -10.45 11.92 5.86
C GLN C 114 -10.67 13.42 5.74
N ILE C 115 -11.81 13.88 6.25
CA ILE C 115 -12.26 15.25 6.11
C ILE C 115 -12.73 15.77 7.47
N ALA C 116 -12.25 16.95 7.87
CA ALA C 116 -12.62 17.53 9.15
C ALA C 116 -13.54 18.74 8.96
N VAL C 117 -14.32 19.02 9.98
CA VAL C 117 -15.21 20.18 10.01
C VAL C 117 -14.63 21.18 11.00
N VAL C 118 -14.25 22.35 10.49
CA VAL C 118 -13.69 23.45 11.28
C VAL C 118 -14.76 24.53 11.45
N THR C 119 -14.97 24.97 12.69
CA THR C 119 -15.99 25.96 13.02
C THR C 119 -15.31 27.27 13.45
N HIS C 120 -16.02 28.39 13.28
CA HIS C 120 -15.42 29.71 13.42
C HIS C 120 -14.85 29.97 14.82
N ASP C 121 -15.33 29.26 15.84
CA ASP C 121 -14.71 29.34 17.16
C ASP C 121 -13.40 28.55 17.26
N GLY C 122 -12.90 28.04 16.15
CA GLY C 122 -11.65 27.31 16.15
C GLY C 122 -11.76 25.85 16.55
N SER C 123 -12.97 25.33 16.73
CA SER C 123 -13.13 23.93 17.07
C SER C 123 -13.18 23.07 15.80
N VAL C 124 -12.55 21.91 15.89
CA VAL C 124 -12.49 20.97 14.78
C VAL C 124 -13.08 19.63 15.17
N MET C 125 -13.92 19.08 14.32
CA MET C 125 -14.50 17.78 14.59
C MET C 125 -14.10 16.81 13.49
N PHE C 126 -13.50 15.70 13.90
CA PHE C 126 -13.05 14.67 12.96
C PHE C 126 -13.68 13.34 13.38
N ILE C 127 -14.34 12.67 12.44
CA ILE C 127 -14.98 11.40 12.76
C ILE C 127 -14.65 10.29 11.76
N PRO C 128 -13.36 9.79 11.83
CA PRO C 128 -13.06 8.72 10.86
C PRO C 128 -13.71 7.39 11.22
N ALA C 129 -14.10 6.63 10.22
CA ALA C 129 -14.69 5.31 10.43
C ALA C 129 -13.57 4.32 10.14
N GLN C 130 -13.34 3.38 11.05
CA GLN C 130 -12.26 2.42 10.89
C GLN C 130 -12.58 0.99 11.27
N ARG C 131 -11.80 0.05 10.72
CA ARG C 131 -11.93 -1.35 11.03
C ARG C 131 -10.67 -1.70 11.80
N LEU C 132 -10.82 -2.29 12.97
CA LEU C 132 -9.69 -2.64 13.81
C LEU C 132 -9.62 -4.09 14.26
N SER C 133 -8.41 -4.66 14.20
CA SER C 133 -8.16 -6.01 14.67
C SER C 133 -7.39 -5.76 15.96
N PHE C 134 -7.86 -6.34 17.05
CA PHE C 134 -7.22 -6.10 18.34
C PHE C 134 -7.24 -7.36 19.20
N MET C 135 -6.37 -7.35 20.22
CA MET C 135 -6.17 -8.52 21.08
C MET C 135 -7.39 -8.74 21.95
N CYS C 136 -8.02 -9.91 21.80
CA CYS C 136 -9.30 -10.17 22.47
C CYS C 136 -9.55 -11.66 22.46
N ASP C 137 -9.72 -12.24 23.65
CA ASP C 137 -10.04 -13.66 23.81
C ASP C 137 -11.55 -13.80 23.78
N PRO C 138 -12.13 -14.41 22.73
CA PRO C 138 -13.59 -14.50 22.68
C PRO C 138 -14.15 -15.72 23.39
N THR C 139 -13.38 -16.34 24.29
CA THR C 139 -13.89 -17.48 25.04
C THR C 139 -15.16 -17.07 25.80
N GLY C 140 -16.20 -17.90 25.72
CA GLY C 140 -17.45 -17.58 26.36
C GLY C 140 -18.44 -16.79 25.53
N VAL C 141 -18.06 -16.40 24.30
CA VAL C 141 -18.97 -15.66 23.44
C VAL C 141 -20.18 -16.51 23.06
N ASP C 142 -20.05 -17.85 23.11
CA ASP C 142 -21.15 -18.75 22.82
C ASP C 142 -21.98 -19.09 24.06
N SER C 143 -22.01 -18.20 25.04
CA SER C 143 -22.75 -18.39 26.28
C SER C 143 -23.55 -17.13 26.58
N GLU C 144 -24.52 -17.25 27.49
CA GLU C 144 -25.38 -16.11 27.78
C GLU C 144 -24.60 -14.97 28.42
N GLU C 145 -23.56 -15.27 29.20
CA GLU C 145 -22.73 -14.22 29.82
C GLU C 145 -21.77 -13.57 28.83
N GLY C 146 -21.45 -14.22 27.73
CA GLY C 146 -20.65 -13.61 26.68
C GLY C 146 -19.18 -13.53 27.02
N ALA C 147 -18.45 -12.84 26.16
CA ALA C 147 -17.02 -12.56 26.33
C ALA C 147 -16.85 -11.07 26.59
N THR C 148 -15.79 -10.72 27.31
CA THR C 148 -15.48 -9.33 27.61
C THR C 148 -14.09 -9.03 27.11
N CYS C 149 -13.93 -7.92 26.40
CA CYS C 149 -12.62 -7.49 25.98
C CYS C 149 -12.50 -5.98 26.14
N ALA C 150 -11.26 -5.50 26.08
CA ALA C 150 -10.94 -4.09 26.25
C ALA C 150 -9.92 -3.68 25.20
N VAL C 151 -9.94 -2.39 24.86
CA VAL C 151 -8.86 -1.83 24.05
C VAL C 151 -8.68 -0.36 24.44
N LYS C 152 -7.44 0.02 24.70
CA LYS C 152 -7.08 1.37 25.11
C LYS C 152 -6.81 2.23 23.90
N PHE C 153 -7.27 3.48 23.96
CA PHE C 153 -7.00 4.48 22.94
C PHE C 153 -6.33 5.68 23.58
N GLY C 154 -5.25 6.17 22.98
CA GLY C 154 -4.63 7.35 23.55
C GLY C 154 -3.60 7.89 22.58
N SER C 155 -3.10 9.09 22.89
CA SER C 155 -1.99 9.62 22.13
C SER C 155 -0.80 8.67 22.26
N TRP C 156 -0.13 8.39 21.14
CA TRP C 156 1.03 7.52 21.20
C TRP C 156 2.21 8.24 21.85
N VAL C 157 2.42 9.51 21.52
CA VAL C 157 3.65 10.21 21.87
C VAL C 157 3.46 11.40 22.79
N TYR C 158 2.23 11.91 22.97
CA TYR C 158 2.02 13.10 23.80
C TYR C 158 1.51 12.70 25.18
N SER C 159 2.18 13.20 26.22
CA SER C 159 1.81 12.88 27.59
C SER C 159 0.58 13.67 28.02
N GLY C 160 0.07 13.36 29.22
CA GLY C 160 -1.05 14.10 29.80
C GLY C 160 -0.84 15.59 29.87
N PHE C 161 0.41 16.04 29.95
CA PHE C 161 0.75 17.45 30.04
C PHE C 161 0.64 18.17 28.70
N GLU C 162 0.54 17.44 27.60
CA GLU C 162 0.43 18.02 26.27
C GLU C 162 -0.92 17.80 25.62
N ILE C 163 -1.46 16.58 25.69
CA ILE C 163 -2.81 16.30 25.24
C ILE C 163 -3.59 15.83 26.45
N ASP C 164 -4.51 16.66 26.91
CA ASP C 164 -5.46 16.28 27.94
C ASP C 164 -6.65 15.61 27.26
N LEU C 165 -6.93 14.36 27.63
CA LEU C 165 -7.86 13.51 26.89
C LEU C 165 -9.14 13.35 27.70
N LYS C 166 -10.26 13.73 27.11
CA LYS C 166 -11.55 13.79 27.80
C LYS C 166 -12.59 13.02 26.99
N THR C 167 -13.76 12.83 27.61
CA THR C 167 -14.94 12.19 27.00
C THR C 167 -16.16 13.02 27.39
N ASP C 168 -17.22 12.87 26.60
CA ASP C 168 -18.50 13.47 26.89
C ASP C 168 -19.45 12.51 27.60
N THR C 169 -19.11 11.22 27.67
CA THR C 169 -20.02 10.22 28.18
C THR C 169 -19.21 8.98 28.51
N ASP C 170 -19.70 8.20 29.47
CA ASP C 170 -19.04 6.96 29.86
C ASP C 170 -19.52 5.77 29.06
N GLN C 171 -20.51 5.96 28.19
CA GLN C 171 -21.11 4.88 27.43
C GLN C 171 -20.75 5.02 25.96
N VAL C 172 -20.40 3.90 25.34
CA VAL C 172 -20.20 3.87 23.89
C VAL C 172 -21.55 3.98 23.20
N ASP C 173 -21.61 4.79 22.14
CA ASP C 173 -22.85 4.98 21.36
C ASP C 173 -23.13 3.73 20.54
N LEU C 174 -24.18 3.01 20.91
CA LEU C 174 -24.62 1.81 20.21
C LEU C 174 -25.82 2.06 19.30
N SER C 175 -26.20 3.32 19.09
CA SER C 175 -27.44 3.56 18.37
C SER C 175 -27.33 3.20 16.89
N SER C 176 -26.12 2.93 16.38
CA SER C 176 -25.92 2.53 15.00
C SER C 176 -25.35 1.13 14.88
N TYR C 177 -25.48 0.30 15.92
CA TYR C 177 -24.90 -1.03 15.86
C TYR C 177 -25.74 -1.88 14.91
N TYR C 178 -25.05 -2.59 14.02
CA TYR C 178 -25.69 -3.41 13.00
C TYR C 178 -26.57 -4.48 13.63
N ALA C 179 -27.89 -4.37 13.46
CA ALA C 179 -28.84 -5.23 14.16
C ALA C 179 -28.70 -6.70 13.77
N SER C 180 -28.18 -7.01 12.59
CA SER C 180 -27.97 -8.39 12.18
C SER C 180 -26.49 -8.82 12.26
N SER C 181 -25.70 -8.16 13.10
CA SER C 181 -24.34 -8.62 13.33
C SER C 181 -24.33 -10.06 13.83
N LYS C 182 -23.21 -10.76 13.60
CA LYS C 182 -23.06 -12.07 14.22
C LYS C 182 -23.01 -11.98 15.73
N TYR C 183 -22.71 -10.81 16.28
CA TYR C 183 -22.53 -10.63 17.71
C TYR C 183 -23.42 -9.52 18.22
N GLU C 184 -24.05 -9.74 19.37
CA GLU C 184 -24.83 -8.71 20.00
C GLU C 184 -24.08 -8.13 21.18
N ILE C 185 -24.27 -6.85 21.42
CA ILE C 185 -23.54 -6.14 22.46
C ILE C 185 -24.34 -6.23 23.77
N LEU C 186 -23.69 -6.69 24.83
CA LEU C 186 -24.31 -6.69 26.16
C LEU C 186 -24.02 -5.40 26.91
N SER C 187 -22.83 -4.85 26.78
CA SER C 187 -22.50 -3.53 27.32
C SER C 187 -21.26 -3.00 26.60
N ALA C 188 -21.09 -1.68 26.65
CA ALA C 188 -19.91 -1.06 26.02
C ALA C 188 -19.67 0.29 26.69
N THR C 189 -18.55 0.41 27.39
CA THR C 189 -18.21 1.58 28.17
C THR C 189 -16.91 2.20 27.67
N GLN C 190 -16.69 3.50 27.99
CA GLN C 190 -15.48 4.22 27.53
C GLN C 190 -14.95 5.13 28.65
N TYR C 191 -14.34 4.51 29.66
CA TYR C 191 -13.76 5.21 30.81
C TYR C 191 -12.33 5.66 30.56
N LYS C 192 -12.00 6.83 31.11
CA LYS C 192 -10.67 7.41 30.99
C LYS C 192 -9.73 6.87 32.07
N HIS C 193 -8.48 6.63 31.70
CA HIS C 193 -7.49 6.13 32.64
C HIS C 193 -6.14 6.84 32.50
N ASP C 194 -5.38 6.89 33.59
CA ASP C 194 -4.07 7.52 33.58
C ASP C 194 -3.04 6.43 33.88
N ILE C 195 -2.04 6.30 33.01
CA ILE C 195 -1.02 5.28 33.20
C ILE C 195 0.40 5.79 32.96
N LYS C 196 1.36 5.19 33.63
CA LYS C 196 2.75 5.55 33.46
C LYS C 196 3.46 4.40 32.77
N TYR C 197 4.23 4.73 31.75
CA TYR C 197 4.96 3.72 31.01
C TYR C 197 6.43 3.71 31.40
N ASN C 198 7.07 2.55 31.25
CA ASN C 198 8.46 2.37 31.62
C ASN C 198 9.41 3.31 30.88
N CYS C 199 9.13 3.54 29.60
CA CYS C 199 9.95 4.40 28.78
C CYS C 199 10.04 5.85 29.27
N CYS C 200 8.92 6.40 29.74
CA CYS C 200 8.91 7.79 30.19
C CYS C 200 8.29 8.05 31.56
N GLU C 201 8.83 9.06 32.25
CA GLU C 201 8.35 9.46 33.56
C GLU C 201 6.93 10.03 33.59
N GLU C 202 6.58 10.82 32.58
CA GLU C 202 5.25 11.44 32.49
C GLU C 202 4.09 10.48 32.29
N ILE C 203 2.97 10.78 32.95
CA ILE C 203 1.75 9.98 32.83
C ILE C 203 1.05 10.18 31.49
N TYR C 204 0.49 9.11 30.93
CA TYR C 204 -0.22 9.22 29.66
C TYR C 204 -1.70 8.85 29.79
N PRO C 205 -2.59 9.84 29.39
CA PRO C 205 -4.01 9.45 29.53
C PRO C 205 -4.53 8.57 28.40
N ASP C 206 -5.57 7.79 28.69
CA ASP C 206 -6.16 6.92 27.68
C ASP C 206 -7.66 6.73 27.89
N VAL C 207 -8.36 6.34 26.83
CA VAL C 207 -9.78 6.05 26.91
C VAL C 207 -9.84 4.55 26.59
N VAL C 208 -10.43 3.78 27.49
CA VAL C 208 -10.51 2.33 27.33
C VAL C 208 -11.93 1.96 27.01
N LEU C 209 -12.09 1.34 25.86
CA LEU C 209 -13.34 0.73 25.41
C LEU C 209 -13.42 -0.68 25.98
N VAL C 210 -14.42 -0.93 26.83
CA VAL C 210 -14.66 -2.27 27.38
C VAL C 210 -15.98 -2.79 26.81
N VAL C 211 -15.91 -3.86 26.01
CA VAL C 211 -17.08 -4.38 25.32
CA VAL C 211 -17.08 -4.38 25.32
C VAL C 211 -17.37 -5.78 25.79
N LYS C 212 -18.61 -6.02 26.20
CA LYS C 212 -19.14 -7.35 26.53
C LYS C 212 -20.09 -7.75 25.42
N PHE C 213 -19.85 -8.92 24.82
CA PHE C 213 -20.58 -9.30 23.62
C PHE C 213 -20.78 -10.81 23.60
N ARG C 214 -21.69 -11.26 22.74
CA ARG C 214 -22.01 -12.67 22.65
C ARG C 214 -22.61 -12.97 21.29
N GLU C 215 -22.57 -14.24 20.90
CA GLU C 215 -23.15 -14.65 19.63
C GLU C 215 -24.66 -14.43 19.66
N ARG C 216 -25.19 -13.87 18.57
CA ARG C 216 -26.63 -13.60 18.49
C ARG C 216 -27.40 -14.85 18.06
N SER D 11 -3.94 20.78 -31.80
CA SER D 11 -5.01 20.41 -30.88
C SER D 11 -4.43 20.03 -29.53
N GLN D 12 -3.31 19.32 -29.56
CA GLN D 12 -2.62 18.97 -28.31
C GLN D 12 -2.24 20.22 -27.55
N ALA D 13 -1.66 21.21 -28.24
CA ALA D 13 -1.31 22.48 -27.60
C ALA D 13 -2.53 23.18 -27.03
N ASN D 14 -3.66 23.14 -27.76
CA ASN D 14 -4.88 23.77 -27.25
C ASN D 14 -5.35 23.09 -25.97
N LEU D 15 -5.33 21.75 -25.95
CA LEU D 15 -5.72 21.01 -24.75
C LEU D 15 -4.83 21.35 -23.56
N MET D 16 -3.51 21.41 -23.75
CA MET D 16 -2.62 21.76 -22.65
C MET D 16 -2.90 23.17 -22.14
N ARG D 17 -3.17 24.09 -23.06
CA ARG D 17 -3.49 25.46 -22.67
C ARG D 17 -4.78 25.50 -21.86
N LEU D 18 -5.82 24.79 -22.32
CA LEU D 18 -7.09 24.75 -21.59
C LEU D 18 -6.89 24.18 -20.19
N LYS D 19 -6.17 23.07 -20.08
CA LYS D 19 -5.91 22.46 -18.78
C LYS D 19 -5.15 23.42 -17.86
N SER D 20 -4.14 24.12 -18.40
CA SER D 20 -3.38 25.07 -17.61
C SER D 20 -4.26 26.22 -17.12
N ASP D 21 -5.07 26.80 -18.00
CA ASP D 21 -5.99 27.85 -17.60
C ASP D 21 -6.97 27.36 -16.53
N LEU D 22 -7.55 26.18 -16.71
CA LEU D 22 -8.54 25.69 -15.76
C LEU D 22 -7.95 25.47 -14.37
N PHE D 23 -6.71 24.98 -14.30
CA PHE D 23 -6.09 24.67 -13.01
C PHE D 23 -5.14 25.76 -12.54
N ASN D 24 -5.14 26.93 -13.18
CA ASN D 24 -4.34 28.10 -12.77
C ASN D 24 -4.99 29.39 -13.26
N TYR D 29 -11.45 24.42 -6.54
CA TYR D 29 -12.81 24.49 -6.03
C TYR D 29 -12.80 24.05 -4.58
N PRO D 30 -13.31 24.90 -3.69
CA PRO D 30 -13.26 24.60 -2.25
C PRO D 30 -14.34 23.64 -1.78
N GLY D 31 -15.13 23.08 -2.67
CA GLY D 31 -16.27 22.28 -2.25
C GLY D 31 -17.49 23.15 -2.11
N PRO D 32 -18.67 22.53 -1.98
CA PRO D 32 -19.91 23.31 -1.91
C PRO D 32 -20.16 23.92 -0.54
N THR D 33 -21.08 24.88 -0.53
CA THR D 33 -21.52 25.58 0.67
C THR D 33 -23.02 25.73 0.62
N LYS D 34 -23.61 26.16 1.75
CA LYS D 34 -25.04 26.39 1.79
C LYS D 34 -25.47 27.46 0.79
N ASP D 35 -24.61 28.45 0.55
CA ASP D 35 -24.90 29.49 -0.42
C ASP D 35 -24.64 29.07 -1.85
N ASP D 36 -23.82 28.03 -2.06
CA ASP D 36 -23.45 27.54 -3.39
C ASP D 36 -23.53 26.02 -3.37
N PRO D 37 -24.74 25.46 -3.30
CA PRO D 37 -24.88 24.01 -3.15
C PRO D 37 -24.68 23.29 -4.48
N LEU D 38 -24.45 21.99 -4.37
CA LEU D 38 -24.09 21.18 -5.51
C LEU D 38 -25.00 19.96 -5.57
N THR D 39 -25.45 19.63 -6.78
CA THR D 39 -26.23 18.42 -6.99
C THR D 39 -25.32 17.35 -7.58
N VAL D 40 -25.28 16.19 -6.92
CA VAL D 40 -24.49 15.05 -7.39
C VAL D 40 -25.46 13.95 -7.79
N THR D 41 -25.40 13.54 -9.05
CA THR D 41 -26.20 12.42 -9.54
C THR D 41 -25.43 11.13 -9.36
N LEU D 42 -26.08 10.10 -8.83
CA LEU D 42 -25.44 8.84 -8.48
C LEU D 42 -26.21 7.70 -9.13
N GLY D 43 -25.49 6.69 -9.61
CA GLY D 43 -26.15 5.49 -10.10
C GLY D 43 -25.19 4.33 -10.09
N PHE D 44 -25.73 3.12 -9.91
CA PHE D 44 -24.91 1.93 -9.77
C PHE D 44 -25.13 0.96 -10.90
N THR D 45 -24.06 0.29 -11.31
CA THR D 45 -24.13 -0.76 -12.29
C THR D 45 -23.55 -1.92 -11.48
N LEU D 46 -24.32 -2.98 -11.28
CA LEU D 46 -23.83 -4.09 -10.47
C LEU D 46 -23.22 -5.21 -11.30
N GLN D 47 -21.90 -5.26 -11.35
CA GLN D 47 -21.20 -6.28 -12.09
C GLN D 47 -21.30 -7.70 -11.53
N ASP D 48 -21.12 -7.83 -10.22
CA ASP D 48 -21.17 -9.15 -9.61
C ASP D 48 -21.26 -9.15 -8.09
N ILE D 49 -21.75 -10.25 -7.53
CA ILE D 49 -21.77 -10.41 -6.09
C ILE D 49 -20.72 -11.49 -5.96
N VAL D 50 -19.51 -11.07 -5.62
CA VAL D 50 -18.40 -12.03 -5.52
C VAL D 50 -18.53 -13.07 -4.41
N LYS D 51 -18.94 -12.64 -3.23
CA LYS D 51 -19.06 -13.58 -2.13
C LYS D 51 -19.99 -13.15 -1.01
N ALA D 52 -20.53 -14.15 -0.32
CA ALA D 52 -21.38 -13.94 0.85
C ALA D 52 -20.84 -14.79 2.00
N ASP D 53 -20.51 -14.14 3.12
CA ASP D 53 -19.78 -14.80 4.21
C ASP D 53 -20.69 -14.83 5.44
N SER D 54 -21.32 -16.00 5.67
CA SER D 54 -22.23 -16.17 6.81
C SER D 54 -21.50 -16.37 8.13
N SER D 55 -20.17 -16.50 8.13
CA SER D 55 -19.44 -16.53 9.40
C SER D 55 -19.22 -15.13 9.95
N THR D 56 -19.20 -14.11 9.09
CA THR D 56 -19.00 -12.73 9.53
C THR D 56 -20.15 -11.78 9.17
N ASN D 57 -21.13 -12.23 8.39
CA ASN D 57 -22.18 -11.38 7.82
C ASN D 57 -21.57 -10.16 7.09
N GLU D 58 -20.78 -10.51 6.07
CA GLU D 58 -20.20 -9.58 5.11
C GLU D 58 -20.51 -10.10 3.72
N VAL D 59 -20.95 -9.23 2.82
CA VAL D 59 -21.09 -9.60 1.41
C VAL D 59 -20.20 -8.66 0.60
N ASP D 60 -19.60 -9.20 -0.47
CA ASP D 60 -18.66 -8.48 -1.31
C ASP D 60 -19.30 -8.24 -2.67
N LEU D 61 -19.41 -6.97 -3.06
CA LEU D 61 -19.94 -6.62 -4.37
C LEU D 61 -18.87 -5.98 -5.24
N VAL D 62 -19.03 -6.12 -6.56
CA VAL D 62 -18.29 -5.35 -7.54
C VAL D 62 -19.29 -4.54 -8.35
N TYR D 63 -19.06 -3.22 -8.43
CA TYR D 63 -20.01 -2.36 -9.12
C TYR D 63 -19.28 -1.17 -9.72
N TRP D 64 -19.95 -0.49 -10.64
CA TRP D 64 -19.52 0.82 -11.11
C TRP D 64 -20.39 1.88 -10.47
N GLU D 65 -19.76 2.91 -9.93
CA GLU D 65 -20.46 3.99 -9.25
C GLU D 65 -20.33 5.23 -10.13
N GLN D 66 -21.37 5.51 -10.91
CA GLN D 66 -21.33 6.67 -11.79
C GLN D 66 -21.71 7.91 -11.01
N GLN D 67 -20.81 8.90 -11.02
CA GLN D 67 -21.02 10.17 -10.33
C GLN D 67 -20.99 11.31 -11.33
N ARG D 68 -21.98 12.19 -11.27
CA ARG D 68 -22.00 13.36 -12.15
C ARG D 68 -22.32 14.62 -11.36
N TRP D 69 -21.67 15.71 -11.73
CA TRP D 69 -21.91 17.01 -11.11
C TRP D 69 -21.43 18.08 -12.09
N LYS D 70 -21.59 19.34 -11.72
CA LYS D 70 -21.25 20.39 -12.67
C LYS D 70 -20.81 21.65 -11.94
N LEU D 71 -19.71 22.26 -12.41
CA LEU D 71 -19.10 23.41 -11.77
C LEU D 71 -18.88 24.52 -12.78
N ASN D 72 -19.30 25.74 -12.41
CA ASN D 72 -19.02 26.91 -13.26
C ASN D 72 -17.53 27.10 -13.48
N SER D 73 -16.71 26.80 -12.47
CA SER D 73 -15.26 26.96 -12.61
C SER D 73 -14.65 26.01 -13.62
N LEU D 74 -15.40 25.03 -14.13
CA LEU D 74 -14.87 24.09 -15.11
C LEU D 74 -15.43 24.35 -16.51
N MET D 75 -16.13 25.46 -16.71
CA MET D 75 -16.69 25.78 -18.02
C MET D 75 -15.64 26.43 -18.92
N TRP D 76 -15.83 26.27 -20.23
CA TRP D 76 -15.04 27.00 -21.20
C TRP D 76 -15.80 27.04 -22.52
N ASP D 77 -15.34 27.91 -23.42
CA ASP D 77 -15.91 28.04 -24.75
C ASP D 77 -15.07 27.23 -25.72
N PRO D 78 -15.62 26.19 -26.34
CA PRO D 78 -14.83 25.41 -27.32
C PRO D 78 -14.19 26.26 -28.40
N ASN D 79 -14.84 27.36 -28.82
CA ASN D 79 -14.25 28.23 -29.84
C ASN D 79 -12.92 28.81 -29.41
N GLU D 80 -12.70 28.97 -28.12
CA GLU D 80 -11.43 29.53 -27.65
C GLU D 80 -10.32 28.50 -27.55
N TYR D 81 -10.60 27.22 -27.85
CA TYR D 81 -9.64 26.14 -27.61
C TYR D 81 -9.74 25.07 -28.69
N GLY D 82 -9.76 25.50 -29.95
CA GLY D 82 -9.74 24.56 -31.06
C GLY D 82 -10.95 23.65 -31.16
N ASN D 83 -12.11 24.11 -30.66
CA ASN D 83 -13.36 23.35 -30.66
C ASN D 83 -13.27 22.07 -29.80
N ILE D 84 -12.41 22.08 -28.78
CA ILE D 84 -12.40 21.00 -27.80
C ILE D 84 -13.66 21.10 -26.96
N THR D 85 -14.45 20.02 -26.94
CA THR D 85 -15.68 20.01 -26.16
C THR D 85 -15.56 19.24 -24.84
N ASP D 86 -14.51 18.44 -24.67
CA ASP D 86 -14.33 17.70 -23.42
C ASP D 86 -12.89 17.21 -23.36
N PHE D 87 -12.50 16.75 -22.17
CA PHE D 87 -11.17 16.17 -22.01
C PHE D 87 -11.20 15.21 -20.84
N ARG D 88 -10.16 14.38 -20.75
CA ARG D 88 -9.97 13.45 -19.64
C ARG D 88 -8.91 14.01 -18.69
N THR D 89 -9.09 13.75 -17.39
CA THR D 89 -8.06 14.20 -16.45
C THR D 89 -8.12 13.38 -15.16
N SER D 90 -6.96 13.20 -14.54
CA SER D 90 -6.86 12.50 -13.26
C SER D 90 -7.80 13.12 -12.24
N ALA D 91 -8.53 12.26 -11.52
CA ALA D 91 -9.44 12.72 -10.48
C ALA D 91 -8.72 13.49 -9.37
N ALA D 92 -7.40 13.33 -9.25
CA ALA D 92 -6.65 14.13 -8.28
C ALA D 92 -6.52 15.58 -8.74
N ASP D 93 -6.73 15.86 -10.02
CA ASP D 93 -6.65 17.24 -10.51
C ASP D 93 -7.85 18.08 -10.11
N ILE D 94 -8.95 17.47 -9.67
CA ILE D 94 -10.20 18.18 -9.44
C ILE D 94 -10.78 17.77 -8.09
N TRP D 95 -11.74 18.57 -7.62
CA TRP D 95 -12.54 18.18 -6.49
C TRP D 95 -13.48 17.05 -6.89
N THR D 96 -13.69 16.10 -5.99
CA THR D 96 -14.65 15.02 -6.18
C THR D 96 -15.49 14.87 -4.91
N PRO D 97 -16.75 14.48 -5.04
CA PRO D 97 -17.61 14.37 -3.85
C PRO D 97 -17.22 13.21 -2.93
N ASP D 98 -17.50 13.38 -1.64
CA ASP D 98 -17.11 12.41 -0.62
C ASP D 98 -18.20 11.37 -0.40
N ILE D 99 -18.71 10.81 -1.49
CA ILE D 99 -19.77 9.81 -1.41
C ILE D 99 -19.19 8.52 -0.85
N THR D 100 -19.80 8.01 0.22
CA THR D 100 -19.25 6.92 1.02
C THR D 100 -20.32 5.90 1.31
N ALA D 101 -19.95 4.62 1.29
CA ALA D 101 -20.86 3.59 1.78
C ALA D 101 -20.88 3.62 3.30
N TYR D 102 -22.08 3.68 3.89
CA TYR D 102 -22.14 3.91 5.34
C TYR D 102 -21.96 2.64 6.17
N SER D 103 -21.92 1.47 5.57
CA SER D 103 -21.80 0.23 6.34
C SER D 103 -20.75 -0.70 5.76
N SER D 104 -19.69 -0.14 5.15
CA SER D 104 -18.58 -0.96 4.68
C SER D 104 -17.83 -1.54 5.88
N THR D 105 -17.18 -2.69 5.67
CA THR D 105 -16.37 -3.33 6.71
C THR D 105 -14.89 -3.39 6.36
N ARG D 106 -14.53 -3.00 5.15
CA ARG D 106 -13.16 -2.93 4.66
C ARG D 106 -13.05 -1.70 3.75
N PRO D 107 -11.87 -1.10 3.64
CA PRO D 107 -11.67 -0.04 2.66
C PRO D 107 -12.10 -0.52 1.27
N VAL D 108 -12.86 0.33 0.57
CA VAL D 108 -13.24 0.00 -0.80
C VAL D 108 -11.98 -0.17 -1.65
N GLN D 109 -12.00 -1.15 -2.54
CA GLN D 109 -10.86 -1.37 -3.43
C GLN D 109 -11.22 -0.86 -4.81
N VAL D 110 -10.34 -0.02 -5.36
CA VAL D 110 -10.55 0.60 -6.66
C VAL D 110 -10.06 -0.34 -7.74
N LEU D 111 -10.89 -0.56 -8.76
CA LEU D 111 -10.59 -1.52 -9.81
C LEU D 111 -10.43 -0.87 -11.18
N SER D 112 -10.45 0.45 -11.25
CA SER D 112 -10.35 1.15 -12.51
C SER D 112 -9.53 2.42 -12.34
N PRO D 113 -9.03 2.98 -13.44
CA PRO D 113 -8.27 4.24 -13.37
C PRO D 113 -9.08 5.36 -12.75
N GLN D 114 -8.41 6.16 -11.94
CA GLN D 114 -9.02 7.32 -11.30
C GLN D 114 -8.94 8.53 -12.23
N ILE D 115 -9.77 8.50 -13.29
CA ILE D 115 -9.76 9.53 -14.32
C ILE D 115 -11.20 9.95 -14.58
N ALA D 116 -11.43 11.27 -14.66
CA ALA D 116 -12.76 11.82 -14.89
C ALA D 116 -12.82 12.38 -16.31
N VAL D 117 -14.05 12.59 -16.77
CA VAL D 117 -14.33 13.22 -18.06
C VAL D 117 -14.99 14.56 -17.76
N VAL D 118 -14.40 15.64 -18.26
CA VAL D 118 -14.89 16.99 -18.04
C VAL D 118 -15.38 17.54 -19.37
N THR D 119 -16.58 18.11 -19.38
CA THR D 119 -17.20 18.66 -20.57
C THR D 119 -17.29 20.18 -20.48
N HIS D 120 -17.37 20.84 -21.65
CA HIS D 120 -17.18 22.29 -21.73
C HIS D 120 -18.23 23.08 -20.96
N ASP D 121 -19.42 22.51 -20.73
CA ASP D 121 -20.42 23.13 -19.88
C ASP D 121 -20.09 23.02 -18.40
N GLY D 122 -18.92 22.50 -18.04
CA GLY D 122 -18.55 22.37 -16.64
C GLY D 122 -18.98 21.08 -15.98
N SER D 123 -19.58 20.15 -16.72
CA SER D 123 -20.04 18.92 -16.11
C SER D 123 -18.90 17.90 -16.03
N VAL D 124 -18.91 17.10 -14.96
CA VAL D 124 -17.89 16.09 -14.71
C VAL D 124 -18.59 14.75 -14.61
N MET D 125 -17.99 13.72 -15.21
CA MET D 125 -18.51 12.37 -15.12
C MET D 125 -17.39 11.49 -14.59
N PHE D 126 -17.62 10.83 -13.47
CA PHE D 126 -16.63 9.95 -12.87
C PHE D 126 -17.28 8.58 -12.62
N ILE D 127 -16.65 7.52 -13.11
CA ILE D 127 -17.22 6.18 -12.95
C ILE D 127 -16.22 5.16 -12.42
N PRO D 128 -15.87 5.31 -11.09
CA PRO D 128 -14.90 4.30 -10.60
C PRO D 128 -15.53 2.92 -10.40
N ALA D 129 -14.76 1.88 -10.67
CA ALA D 129 -15.23 0.51 -10.47
C ALA D 129 -14.61 0.08 -9.15
N GLN D 130 -15.42 -0.45 -8.24
CA GLN D 130 -14.93 -0.85 -6.93
C GLN D 130 -15.47 -2.16 -6.39
N ARG D 131 -14.71 -2.76 -5.47
CA ARG D 131 -15.12 -3.98 -4.80
C ARG D 131 -15.42 -3.54 -3.38
N LEU D 132 -16.63 -3.84 -2.91
CA LEU D 132 -17.03 -3.43 -1.58
C LEU D 132 -17.48 -4.56 -0.66
N SER D 133 -17.00 -4.53 0.57
CA SER D 133 -17.40 -5.51 1.56
C SER D 133 -18.31 -4.70 2.49
N PHE D 134 -19.54 -5.16 2.65
CA PHE D 134 -20.49 -4.45 3.49
C PHE D 134 -21.27 -5.36 4.43
N MET D 135 -21.84 -4.75 5.48
CA MET D 135 -22.57 -5.49 6.50
C MET D 135 -23.86 -6.07 5.92
N CYS D 136 -23.95 -7.40 5.96
CA CYS D 136 -25.05 -8.08 5.28
C CYS D 136 -25.19 -9.49 5.82
N ASP D 137 -26.40 -9.82 6.28
CA ASP D 137 -26.72 -11.17 6.74
C ASP D 137 -27.25 -11.96 5.55
N PRO D 138 -26.50 -12.95 5.03
CA PRO D 138 -26.96 -13.69 3.86
C PRO D 138 -27.90 -14.84 4.15
N THR D 139 -28.45 -14.93 5.37
CA THR D 139 -29.39 -16.00 5.71
C THR D 139 -30.53 -16.01 4.69
N GLY D 140 -30.80 -17.19 4.14
CA GLY D 140 -31.82 -17.34 3.12
C GLY D 140 -31.29 -17.36 1.70
N VAL D 141 -30.01 -17.07 1.50
CA VAL D 141 -29.47 -17.02 0.14
C VAL D 141 -29.57 -18.38 -0.54
N ASP D 142 -29.60 -19.47 0.25
CA ASP D 142 -29.73 -20.81 -0.31
C ASP D 142 -31.20 -21.25 -0.46
N SER D 143 -32.12 -20.30 -0.54
CA SER D 143 -33.55 -20.58 -0.66
C SER D 143 -34.11 -19.92 -1.90
N GLU D 144 -35.40 -20.18 -2.16
CA GLU D 144 -36.07 -19.64 -3.34
C GLU D 144 -36.27 -18.13 -3.21
N GLU D 145 -36.66 -17.65 -2.02
CA GLU D 145 -36.86 -16.23 -1.80
C GLU D 145 -35.55 -15.46 -1.64
N GLY D 146 -34.44 -16.15 -1.39
CA GLY D 146 -33.14 -15.50 -1.35
C GLY D 146 -32.92 -14.66 -0.09
N ALA D 147 -31.80 -13.94 -0.11
CA ALA D 147 -31.42 -13.03 0.94
C ALA D 147 -31.63 -11.59 0.50
N THR D 148 -31.71 -10.68 1.45
CA THR D 148 -31.87 -9.27 1.15
C THR D 148 -30.86 -8.47 1.95
N CYS D 149 -30.17 -7.54 1.30
CA CYS D 149 -29.25 -6.68 2.02
C CYS D 149 -29.28 -5.29 1.42
N ALA D 150 -28.77 -4.33 2.20
CA ALA D 150 -28.89 -2.92 1.87
C ALA D 150 -27.66 -2.19 2.37
N VAL D 151 -27.23 -1.19 1.60
CA VAL D 151 -26.16 -0.31 2.04
C VAL D 151 -26.45 1.10 1.58
N LYS D 152 -26.38 2.05 2.52
CA LYS D 152 -26.67 3.44 2.23
C LYS D 152 -25.41 4.13 1.70
N PHE D 153 -25.55 4.93 0.64
CA PHE D 153 -24.48 5.78 0.16
C PHE D 153 -24.85 7.24 0.40
N GLY D 154 -23.90 8.03 0.89
CA GLY D 154 -24.11 9.46 0.94
C GLY D 154 -22.83 10.17 1.26
N SER D 155 -22.94 11.49 1.35
CA SER D 155 -21.80 12.29 1.78
C SER D 155 -21.46 12.00 3.24
N TRP D 156 -20.16 11.95 3.54
CA TRP D 156 -19.74 11.76 4.92
C TRP D 156 -19.89 13.04 5.74
N VAL D 157 -19.58 14.20 5.17
CA VAL D 157 -19.50 15.44 5.95
C VAL D 157 -20.47 16.53 5.50
N TYR D 158 -21.16 16.37 4.37
CA TYR D 158 -22.02 17.42 3.84
C TYR D 158 -23.47 17.04 4.06
N SER D 159 -24.28 18.01 4.48
CA SER D 159 -25.72 17.82 4.50
C SER D 159 -26.31 18.17 3.14
N GLY D 160 -27.63 17.94 3.00
CA GLY D 160 -28.33 18.23 1.77
C GLY D 160 -28.35 19.68 1.40
N PHE D 161 -28.06 20.57 2.35
CA PHE D 161 -27.92 21.99 2.05
C PHE D 161 -26.64 22.31 1.28
N GLU D 162 -25.66 21.40 1.26
CA GLU D 162 -24.43 21.57 0.52
C GLU D 162 -24.31 20.61 -0.67
N ILE D 163 -24.59 19.34 -0.45
CA ILE D 163 -24.58 18.34 -1.51
C ILE D 163 -25.97 17.73 -1.56
N ASP D 164 -26.68 17.99 -2.66
CA ASP D 164 -27.96 17.37 -2.95
C ASP D 164 -27.72 16.14 -3.81
N LEU D 165 -28.37 15.02 -3.47
CA LEU D 165 -28.22 13.79 -4.24
C LEU D 165 -29.40 13.63 -5.19
N LYS D 166 -29.12 13.15 -6.40
CA LYS D 166 -30.18 12.81 -7.34
C LYS D 166 -29.86 11.47 -7.97
N THR D 167 -30.87 10.82 -8.50
CA THR D 167 -30.65 9.65 -9.35
C THR D 167 -31.32 9.86 -10.69
N ASP D 168 -30.75 9.25 -11.74
CA ASP D 168 -31.43 9.19 -13.03
C ASP D 168 -32.50 8.10 -13.06
N THR D 169 -32.45 7.14 -12.13
CA THR D 169 -33.35 5.99 -12.08
C THR D 169 -33.21 5.34 -10.71
N ASP D 170 -34.30 4.71 -10.25
CA ASP D 170 -34.25 3.96 -9.01
C ASP D 170 -33.97 2.47 -9.23
N GLN D 171 -33.68 2.06 -10.47
CA GLN D 171 -33.34 0.68 -10.75
C GLN D 171 -31.83 0.57 -10.98
N VAL D 172 -31.19 -0.34 -10.26
CA VAL D 172 -29.77 -0.61 -10.51
C VAL D 172 -29.61 -1.19 -11.91
N ASP D 173 -28.60 -0.73 -12.62
CA ASP D 173 -28.29 -1.28 -13.94
C ASP D 173 -27.71 -2.68 -13.78
N LEU D 174 -28.51 -3.69 -14.14
CA LEU D 174 -28.09 -5.08 -14.08
C LEU D 174 -27.67 -5.61 -15.44
N SER D 175 -27.52 -4.73 -16.43
CA SER D 175 -27.36 -5.16 -17.83
C SER D 175 -26.03 -5.86 -18.08
N SER D 176 -24.99 -5.60 -17.26
CA SER D 176 -23.74 -6.35 -17.36
C SER D 176 -23.45 -7.17 -16.11
N TYR D 177 -24.47 -7.51 -15.30
CA TYR D 177 -24.25 -8.42 -14.19
C TYR D 177 -23.73 -9.75 -14.72
N TYR D 178 -22.70 -10.30 -14.05
CA TYR D 178 -22.00 -11.50 -14.54
C TYR D 178 -22.95 -12.69 -14.57
N ALA D 179 -23.15 -13.26 -15.77
CA ALA D 179 -24.21 -14.24 -15.97
C ALA D 179 -23.93 -15.57 -15.30
N SER D 180 -22.66 -15.84 -14.97
CA SER D 180 -22.28 -17.08 -14.31
C SER D 180 -21.75 -16.83 -12.89
N SER D 181 -22.19 -15.74 -12.26
CA SER D 181 -21.91 -15.47 -10.86
C SER D 181 -22.42 -16.60 -9.98
N LYS D 182 -21.79 -16.76 -8.80
CA LYS D 182 -22.33 -17.70 -7.82
C LYS D 182 -23.72 -17.30 -7.35
N TYR D 183 -24.08 -16.03 -7.46
CA TYR D 183 -25.35 -15.50 -6.98
C TYR D 183 -26.10 -14.84 -8.13
N GLU D 184 -27.38 -15.16 -8.26
CA GLU D 184 -28.23 -14.50 -9.24
C GLU D 184 -29.05 -13.41 -8.56
N ILE D 185 -29.30 -12.34 -9.30
CA ILE D 185 -29.96 -11.16 -8.76
C ILE D 185 -31.45 -11.32 -8.93
N LEU D 186 -32.19 -11.23 -7.82
CA LEU D 186 -33.64 -11.18 -7.87
C LEU D 186 -34.15 -9.76 -8.08
N SER D 187 -33.50 -8.78 -7.45
CA SER D 187 -33.89 -7.39 -7.62
C SER D 187 -32.80 -6.53 -7.01
N ALA D 188 -32.67 -5.32 -7.57
CA ALA D 188 -31.63 -4.41 -7.12
C ALA D 188 -32.13 -2.99 -7.39
N THR D 189 -32.32 -2.22 -6.32
CA THR D 189 -32.84 -0.87 -6.45
C THR D 189 -31.89 0.13 -5.80
N GLN D 190 -32.04 1.39 -6.21
CA GLN D 190 -31.23 2.49 -5.70
C GLN D 190 -32.13 3.71 -5.40
N TYR D 191 -33.12 3.49 -4.54
CA TYR D 191 -34.03 4.55 -4.15
C TYR D 191 -33.30 5.65 -3.39
N LYS D 192 -33.73 6.90 -3.60
CA LYS D 192 -33.12 8.03 -2.93
C LYS D 192 -34.03 8.50 -1.80
N HIS D 193 -33.46 8.71 -0.62
CA HIS D 193 -34.22 9.15 0.54
C HIS D 193 -33.71 10.47 1.10
N ASP D 194 -34.63 11.38 1.41
CA ASP D 194 -34.26 12.64 2.02
C ASP D 194 -34.70 12.47 3.46
N ILE D 195 -33.76 12.54 4.38
CA ILE D 195 -34.10 12.34 5.78
C ILE D 195 -33.88 13.57 6.65
N LYS D 196 -34.92 13.95 7.39
CA LYS D 196 -34.83 15.09 8.28
C LYS D 196 -35.00 14.57 9.71
N TYR D 197 -33.96 14.74 10.51
CA TYR D 197 -34.00 14.31 11.89
C TYR D 197 -34.79 15.30 12.74
N ASN D 198 -35.38 14.82 13.82
CA ASN D 198 -36.17 15.67 14.70
C ASN D 198 -35.33 16.79 15.30
N CYS D 199 -34.09 16.44 15.64
CA CYS D 199 -33.15 17.37 16.24
C CYS D 199 -32.75 18.58 15.39
N CYS D 200 -32.58 18.39 14.09
CA CYS D 200 -32.12 19.49 13.24
C CYS D 200 -32.87 19.81 11.95
N GLU D 201 -32.75 21.07 11.54
CA GLU D 201 -33.34 21.62 10.33
C GLU D 201 -32.78 21.02 9.03
N GLU D 202 -31.50 20.71 9.03
CA GLU D 202 -30.84 20.17 7.84
C GLU D 202 -31.42 18.83 7.39
N ILE D 203 -31.46 18.64 6.07
CA ILE D 203 -31.97 17.43 5.46
C ILE D 203 -30.79 16.61 4.95
N TYR D 204 -30.76 15.33 5.28
CA TYR D 204 -29.68 14.47 4.83
C TYR D 204 -30.17 13.50 3.77
N PRO D 205 -29.54 13.60 2.54
CA PRO D 205 -30.03 12.68 1.52
C PRO D 205 -29.11 11.49 1.30
N ASP D 206 -29.70 10.34 0.98
CA ASP D 206 -28.93 9.14 0.74
C ASP D 206 -29.51 8.33 -0.41
N VAL D 207 -28.66 7.55 -1.05
CA VAL D 207 -29.10 6.66 -2.11
C VAL D 207 -28.81 5.30 -1.51
N VAL D 208 -29.83 4.45 -1.42
CA VAL D 208 -29.64 3.15 -0.82
C VAL D 208 -29.70 2.00 -1.81
N LEU D 209 -28.63 1.20 -1.81
CA LEU D 209 -28.55 0.04 -2.66
C LEU D 209 -29.20 -1.13 -1.93
N VAL D 210 -30.31 -1.65 -2.45
CA VAL D 210 -31.01 -2.79 -1.86
C VAL D 210 -30.92 -3.93 -2.86
N VAL D 211 -30.25 -5.02 -2.48
CA VAL D 211 -30.07 -6.15 -3.38
C VAL D 211 -30.75 -7.37 -2.79
N LYS D 212 -31.53 -8.06 -3.62
CA LYS D 212 -32.12 -9.34 -3.24
C LYS D 212 -31.53 -10.39 -4.17
N PHE D 213 -30.96 -11.44 -3.60
CA PHE D 213 -30.16 -12.39 -4.37
C PHE D 213 -30.23 -13.77 -3.74
N ARG D 214 -29.86 -14.77 -4.53
CA ARG D 214 -29.84 -16.15 -4.06
C ARG D 214 -28.78 -16.93 -4.83
N GLU D 215 -28.41 -18.08 -4.28
CA GLU D 215 -27.43 -18.96 -4.91
C GLU D 215 -27.92 -19.46 -6.26
N ASP E 7 33.96 6.65 -25.73
CA ASP E 7 32.75 6.31 -26.46
C ASP E 7 31.59 6.15 -25.49
N LYS E 8 31.84 5.44 -24.38
CA LYS E 8 30.82 5.28 -23.36
C LYS E 8 30.41 6.63 -22.75
N LEU E 9 31.39 7.51 -22.51
CA LEU E 9 31.08 8.82 -21.97
C LEU E 9 30.20 9.63 -22.92
N HIS E 10 30.54 9.60 -24.22
CA HIS E 10 29.77 10.34 -25.22
C HIS E 10 28.35 9.78 -25.34
N SER E 11 28.20 8.45 -25.31
CA SER E 11 26.88 7.84 -25.39
C SER E 11 26.01 8.23 -24.19
N GLN E 12 26.59 8.20 -22.99
CA GLN E 12 25.85 8.64 -21.79
C GLN E 12 25.40 10.09 -21.93
N ALA E 13 26.32 10.97 -22.33
CA ALA E 13 25.97 12.38 -22.50
C ALA E 13 24.86 12.55 -23.52
N ASN E 14 24.97 11.85 -24.66
CA ASN E 14 23.94 11.93 -25.68
C ASN E 14 22.58 11.48 -25.14
N LEU E 15 22.55 10.34 -24.44
CA LEU E 15 21.27 9.84 -23.90
C LEU E 15 20.68 10.83 -22.90
N MET E 16 21.50 11.36 -21.99
CA MET E 16 21.02 12.36 -21.05
C MET E 16 20.45 13.58 -21.78
N ARG E 17 21.15 14.06 -22.82
CA ARG E 17 20.66 15.21 -23.56
C ARG E 17 19.34 14.91 -24.26
N LEU E 18 19.25 13.74 -24.91
CA LEU E 18 18.00 13.36 -25.56
C LEU E 18 16.84 13.30 -24.56
N LYS E 19 17.06 12.65 -23.41
CA LYS E 19 16.00 12.57 -22.41
C LYS E 19 15.60 13.94 -21.92
N SER E 20 16.58 14.82 -21.66
CA SER E 20 16.28 16.18 -21.22
C SER E 20 15.42 16.92 -22.25
N ASP E 21 15.84 16.89 -23.52
CA ASP E 21 15.06 17.55 -24.57
C ASP E 21 13.64 17.00 -24.66
N LEU E 22 13.49 15.67 -24.62
CA LEU E 22 12.18 15.05 -24.76
C LEU E 22 11.26 15.42 -23.60
N PHE E 23 11.80 15.49 -22.39
CA PHE E 23 10.99 15.75 -21.20
C PHE E 23 11.02 17.20 -20.77
N ASN E 24 11.70 18.08 -21.51
CA ASN E 24 11.72 19.53 -21.24
C ASN E 24 11.88 20.36 -22.51
N TYR E 29 2.56 15.00 -22.54
CA TYR E 29 1.50 14.67 -23.50
C TYR E 29 0.18 14.65 -22.74
N PRO E 30 -0.78 15.46 -23.17
CA PRO E 30 -2.05 15.59 -22.44
C PRO E 30 -3.04 14.48 -22.71
N GLY E 31 -2.68 13.50 -23.55
CA GLY E 31 -3.59 12.45 -23.92
C GLY E 31 -4.11 12.67 -25.33
N PRO E 32 -4.75 11.63 -25.90
CA PRO E 32 -5.34 11.76 -27.23
C PRO E 32 -6.61 12.61 -27.22
N THR E 33 -6.94 13.11 -28.40
CA THR E 33 -8.11 13.97 -28.62
C THR E 33 -8.82 13.48 -29.88
N LYS E 34 -10.05 13.97 -30.08
CA LYS E 34 -10.79 13.61 -31.29
C LYS E 34 -10.01 13.99 -32.55
N ASP E 35 -9.38 15.16 -32.53
CA ASP E 35 -8.60 15.64 -33.67
C ASP E 35 -7.24 14.96 -33.78
N ASP E 36 -6.74 14.37 -32.69
CA ASP E 36 -5.43 13.72 -32.65
C ASP E 36 -5.60 12.36 -31.98
N PRO E 37 -6.33 11.44 -32.60
CA PRO E 37 -6.56 10.14 -31.96
C PRO E 37 -5.29 9.30 -31.94
N LEU E 38 -5.25 8.37 -31.00
CA LEU E 38 -4.10 7.51 -30.79
C LEU E 38 -4.49 6.06 -31.05
N THR E 39 -3.69 5.35 -31.83
CA THR E 39 -3.87 3.93 -32.00
C THR E 39 -3.04 3.19 -30.96
N VAL E 40 -3.67 2.30 -30.20
CA VAL E 40 -2.97 1.47 -29.21
C VAL E 40 -3.16 0.02 -29.62
N THR E 41 -2.04 -0.69 -29.79
CA THR E 41 -2.08 -2.10 -30.14
C THR E 41 -1.82 -2.94 -28.90
N LEU E 42 -2.66 -3.96 -28.71
CA LEU E 42 -2.65 -4.80 -27.52
C LEU E 42 -2.40 -6.24 -27.93
N GLY E 43 -1.55 -6.91 -27.17
CA GLY E 43 -1.42 -8.36 -27.30
C GLY E 43 -1.16 -8.98 -25.94
N PHE E 44 -1.59 -10.23 -25.79
CA PHE E 44 -1.47 -10.89 -24.50
C PHE E 44 -0.61 -12.14 -24.59
N THR E 45 0.22 -12.33 -23.58
CA THR E 45 0.97 -13.56 -23.37
C THR E 45 0.50 -14.17 -22.07
N LEU E 46 -0.07 -15.37 -22.12
CA LEU E 46 -0.58 -15.98 -20.90
C LEU E 46 0.43 -16.92 -20.24
N GLN E 47 1.06 -16.44 -19.18
CA GLN E 47 2.03 -17.25 -18.44
C GLN E 47 1.49 -18.43 -17.65
N ASP E 48 0.41 -18.21 -16.89
CA ASP E 48 -0.15 -19.28 -16.08
C ASP E 48 -1.54 -18.99 -15.55
N ILE E 49 -2.30 -20.04 -15.24
CA ILE E 49 -3.60 -19.87 -14.62
C ILE E 49 -3.27 -20.39 -13.23
N VAL E 50 -3.06 -19.47 -12.30
CA VAL E 50 -2.68 -19.85 -10.94
C VAL E 50 -3.69 -20.64 -10.14
N LYS E 51 -4.95 -20.21 -10.17
CA LYS E 51 -5.96 -20.90 -9.40
C LYS E 51 -7.40 -20.63 -9.85
N ALA E 52 -8.28 -21.57 -9.54
CA ALA E 52 -9.69 -21.45 -9.85
C ALA E 52 -10.44 -21.61 -8.54
N ASP E 53 -11.30 -20.64 -8.22
CA ASP E 53 -12.06 -20.70 -6.96
C ASP E 53 -13.53 -20.87 -7.33
N SER E 54 -14.04 -22.08 -7.14
CA SER E 54 -15.44 -22.37 -7.44
C SER E 54 -16.39 -21.93 -6.34
N SER E 55 -15.87 -21.51 -5.19
CA SER E 55 -16.73 -20.97 -4.14
C SER E 55 -17.13 -19.53 -4.42
N THR E 56 -16.34 -18.80 -5.20
CA THR E 56 -16.66 -17.43 -5.57
C THR E 56 -16.72 -17.18 -7.07
N ASN E 57 -16.37 -18.15 -7.91
CA ASN E 57 -16.24 -17.98 -9.35
C ASN E 57 -15.29 -16.82 -9.67
N GLU E 58 -14.08 -16.94 -9.12
CA GLU E 58 -12.94 -16.08 -9.45
C GLU E 58 -11.79 -16.95 -9.91
N VAL E 59 -11.11 -16.52 -10.97
CA VAL E 59 -9.95 -17.22 -11.48
C VAL E 59 -8.79 -16.23 -11.55
N ASP E 60 -7.59 -16.70 -11.17
CA ASP E 60 -6.39 -15.87 -11.07
C ASP E 60 -5.45 -16.20 -12.22
N LEU E 61 -5.05 -15.19 -12.98
CA LEU E 61 -4.20 -15.34 -14.16
C LEU E 61 -2.95 -14.50 -13.99
N VAL E 62 -1.83 -15.04 -14.47
CA VAL E 62 -0.59 -14.29 -14.67
C VAL E 62 -0.36 -14.19 -16.17
N TYR E 63 -0.18 -12.97 -16.66
CA TYR E 63 -0.04 -12.70 -18.08
C TYR E 63 0.80 -11.44 -18.23
N TRP E 64 1.35 -11.27 -19.43
CA TRP E 64 2.01 -10.05 -19.85
C TRP E 64 1.11 -9.36 -20.88
N GLU E 65 0.92 -8.07 -20.69
CA GLU E 65 0.07 -7.24 -21.54
C GLU E 65 0.98 -6.34 -22.37
N GLN E 66 1.14 -6.65 -23.66
CA GLN E 66 1.99 -5.85 -24.53
C GLN E 66 1.20 -4.68 -25.10
N GLN E 67 1.67 -3.46 -24.83
CA GLN E 67 1.03 -2.23 -25.30
C GLN E 67 2.01 -1.48 -26.20
N ARG E 68 1.53 -1.03 -27.37
CA ARG E 68 2.35 -0.26 -28.28
C ARG E 68 1.55 0.90 -28.87
N TRP E 69 2.14 2.09 -28.86
CA TRP E 69 1.55 3.29 -29.43
C TRP E 69 2.69 4.19 -29.92
N LYS E 70 2.33 5.26 -30.63
CA LYS E 70 3.35 6.10 -31.25
C LYS E 70 2.96 7.56 -31.12
N LEU E 71 3.91 8.39 -30.66
CA LEU E 71 3.69 9.82 -30.47
C LEU E 71 4.71 10.63 -31.27
N ASN E 72 4.24 11.71 -31.90
CA ASN E 72 5.14 12.65 -32.57
C ASN E 72 6.05 13.35 -31.59
N SER E 73 5.57 13.65 -30.38
CA SER E 73 6.35 14.36 -29.39
C SER E 73 7.48 13.52 -28.81
N LEU E 74 7.56 12.23 -29.16
CA LEU E 74 8.65 11.37 -28.71
C LEU E 74 9.60 11.00 -29.85
N MET E 75 9.49 11.71 -30.96
CA MET E 75 10.33 11.51 -32.13
C MET E 75 11.64 12.28 -32.02
N TRP E 76 12.71 11.70 -32.53
CA TRP E 76 14.02 12.34 -32.51
C TRP E 76 14.90 11.81 -33.63
N ASP E 77 15.97 12.54 -33.93
CA ASP E 77 16.89 12.12 -34.99
C ASP E 77 18.10 11.43 -34.37
N PRO E 78 18.38 10.16 -34.86
CA PRO E 78 19.55 9.51 -34.24
C PRO E 78 20.84 10.30 -34.47
N ASN E 79 20.98 10.88 -35.64
CA ASN E 79 22.16 11.66 -35.98
C ASN E 79 22.32 12.82 -35.01
N GLU E 80 21.19 13.37 -34.61
CA GLU E 80 21.15 14.47 -33.66
C GLU E 80 21.75 14.09 -32.30
N TYR E 81 21.52 12.86 -31.86
CA TYR E 81 22.06 12.43 -30.57
C TYR E 81 22.87 11.12 -30.61
N GLY E 82 24.03 11.18 -31.25
CA GLY E 82 24.93 10.04 -31.32
C GLY E 82 24.34 8.75 -31.86
N ASN E 83 23.46 8.87 -32.86
CA ASN E 83 22.85 7.68 -33.45
C ASN E 83 22.13 6.78 -32.44
N ILE E 84 21.41 7.38 -31.50
CA ILE E 84 20.68 6.60 -30.51
C ILE E 84 19.29 6.27 -31.03
N THR E 85 19.11 5.02 -31.44
CA THR E 85 17.83 4.54 -31.97
C THR E 85 16.68 4.47 -30.96
N ASP E 86 16.99 4.00 -29.75
CA ASP E 86 15.99 3.85 -28.70
C ASP E 86 16.58 3.87 -27.29
N PHE E 87 15.73 4.04 -26.28
CA PHE E 87 16.18 4.07 -24.90
C PHE E 87 15.07 3.51 -24.01
N ARG E 88 15.46 3.19 -22.78
CA ARG E 88 14.55 2.71 -21.75
C ARG E 88 14.28 3.84 -20.76
N THR E 89 13.03 3.95 -20.29
CA THR E 89 12.71 4.94 -19.28
C THR E 89 11.52 4.48 -18.45
N SER E 90 11.47 4.96 -17.21
CA SER E 90 10.37 4.63 -16.31
C SER E 90 9.03 4.97 -16.94
N ALA E 91 8.07 4.06 -16.80
CA ALA E 91 6.73 4.32 -17.30
C ALA E 91 6.12 5.57 -16.67
N ALA E 92 6.62 6.01 -15.52
CA ALA E 92 6.08 7.23 -14.93
C ALA E 92 6.55 8.48 -15.65
N ASP E 93 7.60 8.38 -16.47
CA ASP E 93 8.10 9.56 -17.19
C ASP E 93 7.25 9.93 -18.39
N ILE E 94 6.40 9.03 -18.85
CA ILE E 94 5.62 9.23 -20.07
C ILE E 94 4.14 8.98 -19.78
N TRP E 95 3.30 9.46 -20.69
CA TRP E 95 1.90 9.07 -20.68
C TRP E 95 1.77 7.61 -21.07
N THR E 96 0.87 6.89 -20.41
CA THR E 96 0.56 5.51 -20.80
C THR E 96 -0.95 5.32 -20.85
N PRO E 97 -1.45 4.42 -21.69
CA PRO E 97 -2.90 4.27 -21.84
C PRO E 97 -3.53 3.57 -20.64
N ASP E 98 -4.80 3.87 -20.42
CA ASP E 98 -5.53 3.37 -19.25
C ASP E 98 -6.27 2.06 -19.55
N ILE E 99 -5.57 1.12 -20.18
CA ILE E 99 -6.13 -0.18 -20.50
C ILE E 99 -6.49 -0.91 -19.22
N THR E 100 -7.75 -1.27 -19.07
CA THR E 100 -8.26 -1.82 -17.82
C THR E 100 -8.95 -3.14 -18.07
N ALA E 101 -8.75 -4.12 -17.17
CA ALA E 101 -9.59 -5.31 -17.18
C ALA E 101 -10.99 -5.00 -16.69
N TYR E 102 -12.00 -5.34 -17.51
CA TYR E 102 -13.36 -4.94 -17.22
C TYR E 102 -14.02 -5.82 -16.16
N SER E 103 -13.49 -7.00 -15.91
CA SER E 103 -14.19 -7.91 -15.00
C SER E 103 -13.28 -8.37 -13.86
N SER E 104 -12.30 -7.54 -13.48
CA SER E 104 -11.51 -7.84 -12.30
C SER E 104 -12.39 -7.85 -11.06
N THR E 105 -12.03 -8.68 -10.09
CA THR E 105 -12.70 -8.69 -8.80
C THR E 105 -11.80 -8.19 -7.69
N ARG E 106 -10.52 -7.97 -7.98
CA ARG E 106 -9.47 -7.47 -7.08
CA ARG E 106 -9.56 -7.35 -7.08
C ARG E 106 -8.63 -6.47 -7.88
N PRO E 107 -7.95 -5.50 -7.24
CA PRO E 107 -7.07 -4.64 -8.04
C PRO E 107 -5.97 -5.47 -8.68
N VAL E 108 -5.68 -5.19 -9.95
CA VAL E 108 -4.63 -5.93 -10.64
C VAL E 108 -3.29 -5.68 -9.95
N GLN E 109 -2.45 -6.71 -9.88
CA GLN E 109 -1.17 -6.64 -9.21
C GLN E 109 -0.03 -6.71 -10.22
N VAL E 110 0.89 -5.72 -10.17
CA VAL E 110 1.96 -5.60 -11.15
C VAL E 110 3.15 -6.43 -10.68
N LEU E 111 3.71 -7.23 -11.59
CA LEU E 111 4.77 -8.18 -11.23
C LEU E 111 6.15 -7.83 -11.78
N SER E 112 6.25 -6.82 -12.63
CA SER E 112 7.49 -6.49 -13.31
C SER E 112 7.79 -5.00 -13.13
N PRO E 113 9.03 -4.57 -13.37
CA PRO E 113 9.33 -3.14 -13.41
C PRO E 113 8.43 -2.40 -14.38
N GLN E 114 8.14 -1.15 -14.05
CA GLN E 114 7.31 -0.30 -14.91
C GLN E 114 8.25 0.57 -15.75
N ILE E 115 8.78 -0.02 -16.82
CA ILE E 115 9.78 0.61 -17.68
C ILE E 115 9.36 0.42 -19.12
N ALA E 116 9.43 1.49 -19.92
CA ALA E 116 9.02 1.42 -21.32
C ALA E 116 10.23 1.59 -22.25
N VAL E 117 10.06 1.11 -23.47
CA VAL E 117 11.06 1.26 -24.53
C VAL E 117 10.53 2.27 -25.54
N VAL E 118 11.25 3.38 -25.69
CA VAL E 118 10.92 4.45 -26.63
C VAL E 118 11.87 4.37 -27.82
N THR E 119 11.34 4.43 -29.05
CA THR E 119 12.14 4.33 -30.26
C THR E 119 12.06 5.66 -31.02
N HIS E 120 13.10 5.91 -31.84
CA HIS E 120 13.32 7.24 -32.42
C HIS E 120 12.17 7.72 -33.29
N ASP E 121 11.39 6.80 -33.88
CA ASP E 121 10.18 7.19 -34.60
C ASP E 121 9.01 7.51 -33.68
N GLY E 122 9.25 7.58 -32.37
CA GLY E 122 8.22 7.95 -31.42
C GLY E 122 7.32 6.82 -30.96
N SER E 123 7.60 5.58 -31.35
CA SER E 123 6.79 4.45 -30.87
C SER E 123 7.24 4.03 -29.47
N VAL E 124 6.27 3.64 -28.65
CA VAL E 124 6.51 3.18 -27.29
C VAL E 124 6.06 1.73 -27.20
N MET E 125 6.82 0.93 -26.46
CA MET E 125 6.39 -0.43 -26.15
C MET E 125 6.51 -0.64 -24.65
N PHE E 126 5.43 -1.10 -24.03
CA PHE E 126 5.34 -1.23 -22.58
C PHE E 126 4.69 -2.57 -22.31
N ILE E 127 5.37 -3.43 -21.55
CA ILE E 127 4.86 -4.78 -21.31
C ILE E 127 4.82 -5.16 -19.84
N PRO E 128 3.81 -4.57 -19.10
CA PRO E 128 3.80 -4.98 -17.68
C PRO E 128 3.29 -6.41 -17.49
N ALA E 129 3.83 -7.10 -16.48
CA ALA E 129 3.41 -8.45 -16.17
C ALA E 129 2.48 -8.28 -14.97
N GLN E 130 1.30 -8.89 -15.03
CA GLN E 130 0.33 -8.74 -13.95
C GLN E 130 -0.39 -10.02 -13.53
N ARG E 131 -0.89 -10.00 -12.30
CA ARG E 131 -1.67 -11.11 -11.77
C ARG E 131 -3.07 -10.53 -11.64
N LEU E 132 -4.05 -11.20 -12.24
CA LEU E 132 -5.42 -10.71 -12.21
C LEU E 132 -6.45 -11.70 -11.70
N SER E 133 -7.37 -11.21 -10.89
CA SER E 133 -8.47 -12.02 -10.38
C SER E 133 -9.67 -11.46 -11.13
N PHE E 134 -10.35 -12.32 -11.87
CA PHE E 134 -11.50 -11.88 -12.66
C PHE E 134 -12.68 -12.83 -12.54
N MET E 135 -13.88 -12.34 -12.80
CA MET E 135 -15.06 -13.17 -12.70
C MET E 135 -14.91 -14.29 -13.71
N CYS E 136 -15.13 -15.52 -13.27
CA CYS E 136 -14.99 -16.69 -14.12
C CYS E 136 -15.51 -17.92 -13.38
N ASP E 137 -16.47 -18.61 -13.98
CA ASP E 137 -17.06 -19.82 -13.40
C ASP E 137 -16.25 -21.00 -13.91
N PRO E 138 -15.51 -21.72 -13.06
CA PRO E 138 -14.67 -22.83 -13.54
C PRO E 138 -15.39 -24.16 -13.69
N THR E 139 -16.72 -24.20 -13.57
CA THR E 139 -17.46 -25.44 -13.75
C THR E 139 -17.05 -26.13 -15.05
N GLY E 140 -16.74 -27.42 -14.95
CA GLY E 140 -16.30 -28.17 -16.10
C GLY E 140 -14.80 -28.24 -16.28
N VAL E 141 -14.03 -27.56 -15.42
CA VAL E 141 -12.58 -27.59 -15.54
C VAL E 141 -12.06 -29.00 -15.30
N ASP E 142 -12.81 -29.80 -14.54
CA ASP E 142 -12.46 -31.19 -14.27
C ASP E 142 -13.02 -32.17 -15.32
N SER E 143 -13.29 -31.70 -16.54
CA SER E 143 -13.82 -32.56 -17.59
C SER E 143 -13.05 -32.31 -18.88
N GLU E 144 -13.23 -33.20 -19.86
CA GLU E 144 -12.42 -33.14 -21.08
C GLU E 144 -12.68 -31.85 -21.83
N GLU E 145 -13.92 -31.37 -21.82
CA GLU E 145 -14.25 -30.12 -22.51
C GLU E 145 -13.69 -28.90 -21.81
N GLY E 146 -13.40 -28.99 -20.50
CA GLY E 146 -12.88 -27.86 -19.75
C GLY E 146 -13.94 -26.81 -19.47
N ALA E 147 -13.46 -25.65 -19.01
CA ALA E 147 -14.29 -24.49 -18.78
C ALA E 147 -13.85 -23.36 -19.70
N THR E 148 -14.72 -22.40 -19.91
CA THR E 148 -14.43 -21.28 -20.79
C THR E 148 -14.75 -19.97 -20.09
N CYS E 149 -13.81 -19.03 -20.11
CA CYS E 149 -14.06 -17.73 -19.53
C CYS E 149 -13.54 -16.65 -20.46
N ALA E 150 -14.07 -15.44 -20.28
CA ALA E 150 -13.64 -14.31 -21.08
C ALA E 150 -13.28 -13.16 -20.16
N VAL E 151 -12.39 -12.28 -20.61
CA VAL E 151 -12.16 -11.03 -19.89
C VAL E 151 -11.88 -9.92 -20.89
N LYS E 152 -12.67 -8.84 -20.80
CA LYS E 152 -12.53 -7.69 -21.68
C LYS E 152 -11.44 -6.77 -21.16
N PHE E 153 -10.63 -6.25 -22.08
CA PHE E 153 -9.69 -5.19 -21.78
C PHE E 153 -9.97 -3.99 -22.68
N GLY E 154 -9.86 -2.80 -22.11
CA GLY E 154 -9.94 -1.60 -22.93
C GLY E 154 -9.70 -0.37 -22.08
N SER E 155 -9.55 0.76 -22.77
CA SER E 155 -9.48 2.03 -22.08
C SER E 155 -10.74 2.24 -21.22
N TRP E 156 -10.54 2.73 -20.00
CA TRP E 156 -11.68 2.97 -19.12
C TRP E 156 -12.46 4.21 -19.54
N VAL E 157 -11.75 5.25 -19.98
CA VAL E 157 -12.35 6.57 -20.13
C VAL E 157 -12.29 7.14 -21.55
N TYR E 158 -11.45 6.61 -22.43
CA TYR E 158 -11.34 7.12 -23.80
C TYR E 158 -12.14 6.27 -24.78
N SER E 159 -13.04 6.92 -25.52
CA SER E 159 -13.84 6.24 -26.52
C SER E 159 -12.97 5.91 -27.73
N GLY E 160 -13.58 5.15 -28.66
CA GLY E 160 -12.97 4.80 -29.93
C GLY E 160 -12.49 5.98 -30.74
N PHE E 161 -13.05 7.16 -30.49
CA PHE E 161 -12.66 8.37 -31.22
C PHE E 161 -11.36 8.97 -30.72
N GLU E 162 -10.92 8.61 -29.51
CA GLU E 162 -9.67 9.09 -28.92
C GLU E 162 -8.59 8.02 -28.87
N ILE E 163 -8.94 6.79 -28.49
CA ILE E 163 -8.02 5.66 -28.48
C ILE E 163 -8.60 4.56 -29.37
N ASP E 164 -7.97 4.35 -30.52
CA ASP E 164 -8.30 3.26 -31.42
C ASP E 164 -7.52 2.02 -30.98
N LEU E 165 -8.23 0.95 -30.65
CA LEU E 165 -7.62 -0.25 -30.09
C LEU E 165 -7.48 -1.32 -31.16
N LYS E 166 -6.26 -1.85 -31.32
CA LYS E 166 -5.98 -2.88 -32.33
C LYS E 166 -5.18 -4.02 -31.74
N THR E 167 -5.18 -5.14 -32.46
CA THR E 167 -4.33 -6.28 -32.17
C THR E 167 -3.42 -6.55 -33.37
N ASP E 168 -2.33 -7.27 -33.11
CA ASP E 168 -1.47 -7.78 -34.17
C ASP E 168 -1.88 -9.17 -34.64
N THR E 169 -2.71 -9.86 -33.85
CA THR E 169 -3.01 -11.27 -34.08
C THR E 169 -4.22 -11.62 -33.25
N ASP E 170 -4.96 -12.63 -33.69
CA ASP E 170 -6.10 -13.14 -32.93
C ASP E 170 -5.70 -14.18 -31.89
N GLN E 171 -4.43 -14.56 -31.85
CA GLN E 171 -3.96 -15.65 -31.00
C GLN E 171 -3.22 -15.10 -29.78
N VAL E 172 -3.69 -15.48 -28.59
CA VAL E 172 -2.92 -15.25 -27.37
C VAL E 172 -1.62 -16.05 -27.46
N ASP E 173 -0.50 -15.41 -27.15
CA ASP E 173 0.82 -16.09 -27.12
C ASP E 173 0.90 -17.05 -25.94
N LEU E 174 0.92 -18.35 -26.23
CA LEU E 174 1.02 -19.40 -25.23
C LEU E 174 2.42 -20.00 -25.15
N SER E 175 3.41 -19.41 -25.81
CA SER E 175 4.71 -20.05 -25.91
C SER E 175 5.51 -20.00 -24.61
N SER E 176 5.09 -19.17 -23.65
CA SER E 176 5.67 -19.10 -22.31
C SER E 176 4.75 -19.70 -21.25
N TYR E 177 3.70 -20.41 -21.64
CA TYR E 177 2.75 -20.88 -20.64
C TYR E 177 3.41 -21.94 -19.77
N TYR E 178 3.15 -21.88 -18.46
CA TYR E 178 3.88 -22.69 -17.49
C TYR E 178 3.49 -24.16 -17.64
N ALA E 179 4.46 -24.99 -18.03
CA ALA E 179 4.19 -26.37 -18.42
C ALA E 179 3.67 -27.22 -17.27
N SER E 180 3.91 -26.83 -16.01
CA SER E 180 3.46 -27.59 -14.86
C SER E 180 2.37 -26.86 -14.07
N SER E 181 1.63 -25.98 -14.74
CA SER E 181 0.45 -25.36 -14.14
C SER E 181 -0.57 -26.42 -13.74
N LYS E 182 -1.38 -26.09 -12.74
CA LYS E 182 -2.53 -26.95 -12.44
C LYS E 182 -3.51 -27.01 -13.61
N TYR E 183 -3.48 -26.02 -14.50
CA TYR E 183 -4.43 -25.93 -15.60
C TYR E 183 -3.72 -25.87 -16.95
N GLU E 184 -4.20 -26.65 -17.91
CA GLU E 184 -3.67 -26.58 -19.26
C GLU E 184 -4.62 -25.77 -20.14
N ILE E 185 -4.05 -25.09 -21.13
CA ILE E 185 -4.82 -24.21 -22.00
C ILE E 185 -5.31 -25.02 -23.20
N LEU E 186 -6.62 -25.03 -23.41
CA LEU E 186 -7.16 -25.66 -24.61
C LEU E 186 -7.14 -24.70 -25.79
N SER E 187 -7.54 -23.44 -25.57
CA SER E 187 -7.37 -22.42 -26.59
C SER E 187 -7.43 -21.06 -25.92
N ALA E 188 -6.84 -20.07 -26.59
CA ALA E 188 -6.85 -18.71 -26.05
C ALA E 188 -6.78 -17.72 -27.20
N THR E 189 -7.84 -16.91 -27.35
CA THR E 189 -7.95 -15.95 -28.44
C THR E 189 -8.10 -14.53 -27.89
N GLN E 190 -7.75 -13.56 -28.75
CA GLN E 190 -7.89 -12.14 -28.44
C GLN E 190 -8.56 -11.43 -29.62
N TYR E 191 -9.86 -11.16 -29.49
CA TYR E 191 -10.64 -10.51 -30.54
C TYR E 191 -11.10 -9.13 -30.10
N LYS E 192 -11.14 -8.20 -31.04
CA LYS E 192 -11.57 -6.83 -30.76
C LYS E 192 -13.07 -6.64 -30.95
N HIS E 193 -13.68 -5.87 -30.06
CA HIS E 193 -15.11 -5.59 -30.14
C HIS E 193 -15.40 -4.11 -29.90
N ASP E 194 -16.51 -3.64 -30.45
CA ASP E 194 -16.93 -2.26 -30.27
C ASP E 194 -18.21 -2.32 -29.44
N ILE E 195 -18.24 -1.58 -28.34
CA ILE E 195 -19.40 -1.59 -27.45
C ILE E 195 -19.94 -0.22 -27.10
N LYS E 196 -21.26 -0.15 -26.93
CA LYS E 196 -21.93 1.08 -26.56
C LYS E 196 -22.37 0.93 -25.11
N TYR E 197 -21.99 1.90 -24.27
CA TYR E 197 -22.33 1.86 -22.87
C TYR E 197 -23.43 2.88 -22.55
N ASN E 198 -24.20 2.59 -21.51
CA ASN E 198 -25.32 3.44 -21.10
C ASN E 198 -24.90 4.85 -20.72
N CYS E 199 -23.75 4.97 -20.07
CA CYS E 199 -23.24 6.27 -19.64
C CYS E 199 -22.92 7.26 -20.76
N CYS E 200 -22.35 6.78 -21.87
CA CYS E 200 -21.96 7.67 -22.96
C CYS E 200 -22.42 7.28 -24.36
N GLU E 201 -22.65 8.30 -25.18
CA GLU E 201 -23.08 8.11 -26.58
C GLU E 201 -22.04 7.43 -27.45
N GLU E 202 -20.77 7.80 -27.27
CA GLU E 202 -19.67 7.25 -28.06
C GLU E 202 -19.33 5.78 -27.82
N ILE E 203 -18.97 5.08 -28.90
CA ILE E 203 -18.61 3.68 -28.85
C ILE E 203 -17.23 3.47 -28.21
N TYR E 204 -17.08 2.40 -27.43
CA TYR E 204 -15.79 2.10 -26.80
C TYR E 204 -15.23 0.76 -27.24
N PRO E 205 -13.97 0.79 -27.81
CA PRO E 205 -13.46 -0.53 -28.23
C PRO E 205 -12.81 -1.33 -27.10
N ASP E 206 -12.79 -2.64 -27.26
CA ASP E 206 -12.17 -3.52 -26.28
C ASP E 206 -11.57 -4.77 -26.93
N VAL E 207 -10.60 -5.38 -26.26
CA VAL E 207 -10.00 -6.61 -26.74
C VAL E 207 -10.41 -7.62 -25.68
N VAL E 208 -11.08 -8.69 -26.11
CA VAL E 208 -11.56 -9.69 -25.18
C VAL E 208 -10.72 -10.93 -25.32
N LEU E 209 -10.23 -11.41 -24.19
CA LEU E 209 -9.48 -12.62 -24.08
C LEU E 209 -10.43 -13.75 -23.70
N VAL E 210 -10.51 -14.78 -24.55
CA VAL E 210 -11.39 -15.93 -24.33
C VAL E 210 -10.50 -17.16 -24.11
N VAL E 211 -10.55 -17.74 -22.92
CA VAL E 211 -9.66 -18.83 -22.53
C VAL E 211 -10.49 -20.06 -22.25
N LYS E 212 -10.17 -21.15 -22.94
CA LYS E 212 -10.68 -22.47 -22.58
C LYS E 212 -9.57 -23.26 -21.91
N PHE E 213 -9.83 -23.74 -20.69
CA PHE E 213 -8.79 -24.40 -19.90
C PHE E 213 -9.38 -25.58 -19.13
N ARG E 214 -8.50 -26.47 -18.67
CA ARG E 214 -8.94 -27.61 -17.86
C ARG E 214 -7.81 -28.07 -16.95
N GLU E 215 -8.18 -28.82 -15.90
CA GLU E 215 -7.21 -29.39 -14.96
C GLU E 215 -6.21 -30.32 -15.64
O C5E F . 6.46 6.53 21.25
C C5E F . 6.22 6.94 22.41
N C5E F . 5.71 6.02 23.35
C5 C5E F . 4.89 4.93 22.76
C6 C5E F . 4.30 4.00 23.82
C10 C5E F . 2.79 4.28 23.94
N1 C5E F . 2.61 5.60 24.54
C9 C5E F . 3.28 5.90 25.80
C8 C5E F . 4.78 5.61 25.65
C7 C5E F . 4.97 4.18 25.17
C4 C5E F . 5.36 6.52 24.64
C3 C5E F . 5.70 7.82 25.00
C2 C5E F . 6.27 8.69 24.07
C1 C5E F . 6.54 8.24 22.78
O C5E G . -15.37 6.00 -16.63
C C5E G . -15.81 5.97 -17.81
N C5E G . -16.54 4.82 -18.21
C5 C5E G . -16.21 3.60 -17.46
C6 C5E G . -16.94 2.37 -17.98
C10 C5E G . -15.93 1.54 -18.78
N1 C5E G . -15.62 2.21 -20.04
C9 C5E G . -16.73 2.69 -20.88
C8 C5E G . -17.67 3.55 -20.04
C7 C5E G . -18.12 2.73 -18.85
C4 C5E G . -16.95 4.76 -19.56
C3 C5E G . -16.84 5.86 -20.40
C2 C5E G . -16.17 7.02 -19.96
C1 C5E G . -15.68 7.07 -18.66
#